data_6ML1
#
_entry.id   6ML1
#
_cell.length_a   42.770
_cell.length_b   115.290
_cell.length_c   95.320
_cell.angle_alpha   90.00
_cell.angle_beta   91.92
_cell.angle_gamma   90.00
#
_symmetry.space_group_name_H-M   'P 1 21 1'
#
loop_
_entity.id
_entity.type
_entity.pdbx_description
1 polymer 'Ubiquitin carboxyl-terminal hydrolase 15,Ubiquitin carboxyl-terminal hydrolase 15,Ubiquitin carboxyl-terminal hydrolase 15'
2 polymer 'Ubiquitin variant 15.1a'
3 polymer 'Proteolyzed N-terminal tag of Ubv.15.1a construct'
4 non-polymer 'CALCIUM ION'
5 non-polymer 'ZINC ION'
6 non-polymer 'SODIUM ION'
7 non-polymer 1,2-ETHANEDIOL
8 non-polymer 'CHLORIDE ION'
9 non-polymer '2-(N-MORPHOLINO)-ETHANESULFONIC ACID'
10 water water
#
loop_
_entity_poly.entity_id
_entity_poly.type
_entity_poly.pdbx_seq_one_letter_code
_entity_poly.pdbx_strand_id
1 'polypeptide(L)'
;SGAAADYSEPGRNNEQPGLCGLSNLGNTCFMNSAIQCLSNTPPLTEYFLNDKYQEELNFDNPLGMRGEIAKSYAELIKQM
WSGKFSYVTPRAFKTQVGRFAPQFSGYQQQDCQELLAFLLDGLHEDLNRIRKKPYIQLKDADGRPDKVVAEEAWENHLKR
NDSIIVDIFHGLFKSTLVCPECAKISVTFDPFCYLTLPLPMPKKPFVKLKDCIELFTTKEKLGAEDPWYCPNCKEHQQAT
KKLDLWSLPPVLVVHLKRFSYSRYMRDKLDTLVDFPINDLDMSGCRYNLIAVSNHYGGMGGGHYTAFAKNKDDGKWYYFD
DSSVSTASEDQIVSKAAYVLFYQRQDSSG
;
A,B
2 'polypeptide(L)'
;GAAMLIFVKTLSGKFISLEVEPSDTIENVKAKIQDKEGIPPDQQRLIFAGKRLSFYRKQLEDGRTLSDYNIQKHSTLQLL
VISRGILYGSSG
;
E,C
3 'polypeptide(L)' MAHHHHHHDTSLYKKAGSTENLYFQG G
#
# COMPACT_ATOMS: atom_id res chain seq x y z
N ASN A 14 8.02 -14.54 26.91
CA ASN A 14 8.09 -14.64 25.46
C ASN A 14 6.92 -13.93 24.79
N GLU A 15 7.23 -13.26 23.69
CA GLU A 15 6.32 -12.30 23.09
C GLU A 15 6.65 -12.23 21.61
N GLN A 16 5.79 -11.57 20.87
CA GLN A 16 6.05 -11.42 19.45
C GLN A 16 7.17 -10.40 19.26
N PRO A 17 8.22 -10.74 18.51
CA PRO A 17 9.33 -9.80 18.28
C PRO A 17 8.84 -8.44 17.80
N GLY A 18 9.44 -7.37 18.35
CA GLY A 18 9.09 -6.02 18.01
C GLY A 18 7.95 -5.44 18.82
N LEU A 19 7.07 -6.29 19.36
CA LEU A 19 5.99 -5.85 20.25
C LEU A 19 6.53 -5.71 21.68
N CYS A 20 7.44 -4.76 21.83
CA CYS A 20 8.26 -4.67 23.02
C CYS A 20 8.27 -3.23 23.47
N GLY A 21 7.83 -2.99 24.70
CA GLY A 21 7.83 -1.66 25.26
C GLY A 21 9.22 -1.26 25.73
N LEU A 22 9.30 -0.03 26.22
CA LEU A 22 10.52 0.55 26.79
C LEU A 22 10.13 1.22 28.09
N SER A 23 10.76 0.84 29.19
CA SER A 23 10.42 1.47 30.46
C SER A 23 10.73 2.95 30.44
N ASN A 24 9.89 3.72 31.14
CA ASN A 24 10.21 5.11 31.40
C ASN A 24 11.34 5.19 32.42
N LEU A 25 12.32 6.03 32.16
CA LEU A 25 13.45 6.24 33.06
C LEU A 25 13.51 7.69 33.55
N GLY A 26 12.37 8.38 33.54
CA GLY A 26 12.34 9.79 33.89
C GLY A 26 13.10 10.68 32.94
N PHE A 30 11.12 12.04 24.90
CA PHE A 30 10.96 11.73 23.47
C PHE A 30 11.72 10.45 23.14
N MET A 31 12.57 9.98 24.06
CA MET A 31 13.51 8.92 23.69
C MET A 31 12.81 7.61 23.33
N ASN A 32 11.88 7.14 24.16
CA ASN A 32 11.22 5.87 23.86
C ASN A 32 10.41 5.97 22.58
N SER A 33 9.71 7.09 22.39
CA SER A 33 8.92 7.30 21.17
C SER A 33 9.81 7.27 19.93
N ALA A 34 10.95 7.98 19.96
CA ALA A 34 11.86 7.97 18.82
C ALA A 34 12.42 6.58 18.57
N ILE A 35 12.76 5.83 19.63
CA ILE A 35 13.26 4.48 19.41
C ILE A 35 12.20 3.61 18.74
N GLN A 36 10.94 3.75 19.17
CA GLN A 36 9.90 2.91 18.58
C GLN A 36 9.68 3.23 17.11
N CYS A 37 9.81 4.51 16.72
CA CYS A 37 9.73 4.84 15.31
C CYS A 37 10.88 4.19 14.53
N LEU A 38 12.11 4.34 15.03
CA LEU A 38 13.27 3.76 14.34
C LEU A 38 13.22 2.23 14.34
N SER A 39 12.80 1.66 15.47
CA SER A 39 12.65 0.20 15.57
C SER A 39 11.75 -0.34 14.47
N ASN A 40 10.73 0.43 14.09
CA ASN A 40 9.74 -0.01 13.11
C ASN A 40 9.98 0.60 11.73
N THR A 41 11.22 0.98 11.47
CA THR A 41 11.72 1.30 10.15
C THR A 41 12.38 0.03 9.62
N PRO A 42 11.71 -0.76 8.79
CA PRO A 42 12.16 -2.15 8.54
C PRO A 42 13.57 -2.27 7.99
N PRO A 43 13.99 -1.47 7.00
CA PRO A 43 15.36 -1.68 6.50
C PRO A 43 16.42 -1.35 7.54
N LEU A 44 16.13 -0.48 8.51
CA LEU A 44 17.10 -0.19 9.56
C LEU A 44 17.18 -1.35 10.54
N THR A 45 16.03 -1.86 10.97
CA THR A 45 16.03 -2.95 11.94
C THR A 45 16.60 -4.23 11.32
N GLU A 46 16.36 -4.45 10.03
CA GLU A 46 16.88 -5.66 9.37
C GLU A 46 18.39 -5.60 9.25
N TYR A 47 18.94 -4.41 8.98
CA TYR A 47 20.39 -4.21 8.91
C TYR A 47 21.06 -4.63 10.20
N PHE A 48 20.47 -4.27 11.34
CA PHE A 48 21.08 -4.64 12.62
C PHE A 48 20.83 -6.11 12.95
N LEU A 49 19.61 -6.59 12.72
CA LEU A 49 19.28 -7.98 13.04
C LEU A 49 20.09 -8.97 12.19
N ASN A 50 20.49 -8.57 10.99
CA ASN A 50 21.30 -9.40 10.10
C ASN A 50 22.80 -9.19 10.30
N ASP A 51 23.19 -8.55 11.39
CA ASP A 51 24.61 -8.32 11.75
C ASP A 51 25.40 -7.72 10.58
N LYS A 52 24.81 -6.75 9.89
CA LYS A 52 25.56 -6.05 8.85
C LYS A 52 26.38 -4.90 9.40
N TYR A 53 26.24 -4.56 10.68
CA TYR A 53 26.82 -3.33 11.20
C TYR A 53 28.23 -3.49 11.74
N GLN A 54 28.60 -4.66 12.25
CA GLN A 54 29.88 -4.80 12.93
C GLN A 54 31.04 -4.47 12.01
N GLU A 55 30.96 -4.90 10.75
CA GLU A 55 32.02 -4.61 9.80
C GLU A 55 32.04 -3.15 9.35
N GLU A 56 30.97 -2.38 9.63
CA GLU A 56 30.90 -0.99 9.21
C GLU A 56 31.07 0.00 10.36
N LEU A 57 31.13 -0.48 11.60
CA LEU A 57 31.36 0.39 12.75
C LEU A 57 32.61 1.22 12.50
N ASN A 58 32.50 2.52 12.76
CA ASN A 58 33.57 3.49 12.52
C ASN A 58 34.02 4.01 13.88
N PHE A 59 35.22 3.63 14.30
CA PHE A 59 35.68 3.95 15.64
C PHE A 59 36.47 5.26 15.74
N ASP A 60 37.01 5.75 14.63
CA ASP A 60 37.90 6.91 14.60
C ASP A 60 37.23 8.22 14.17
N ASN A 61 36.00 8.15 13.65
CA ASN A 61 35.30 9.28 13.05
C ASN A 61 35.36 10.52 13.92
N PRO A 62 35.93 11.63 13.47
CA PRO A 62 35.90 12.85 14.28
C PRO A 62 34.49 13.31 14.61
N LEU A 63 33.50 12.93 13.81
CA LEU A 63 32.13 13.32 14.08
C LEU A 63 31.31 12.21 14.71
N GLY A 64 31.92 11.06 14.97
CA GLY A 64 31.21 9.92 15.48
C GLY A 64 31.25 9.82 16.99
N MET A 65 30.87 8.65 17.48
CA MET A 65 30.77 8.38 18.91
C MET A 65 31.53 7.12 19.26
N ARG A 66 32.63 6.88 18.55
CA ARG A 66 33.50 5.72 18.74
C ARG A 66 32.81 4.42 18.39
N GLY A 67 31.69 4.48 17.66
CA GLY A 67 30.91 3.29 17.41
C GLY A 67 29.89 2.99 18.49
N GLU A 68 29.89 3.74 19.59
CA GLU A 68 29.14 3.35 20.78
C GLU A 68 27.65 3.61 20.63
N ILE A 69 27.25 4.65 19.88
CA ILE A 69 25.82 4.86 19.69
C ILE A 69 25.24 3.75 18.82
N ALA A 70 25.93 3.40 17.72
CA ALA A 70 25.41 2.33 16.87
C ALA A 70 25.48 0.97 17.55
N LYS A 71 26.52 0.73 18.35
CA LYS A 71 26.60 -0.55 19.08
C LYS A 71 25.47 -0.67 20.10
N SER A 72 25.29 0.37 20.91
CA SER A 72 24.25 0.36 21.93
C SER A 72 22.86 0.24 21.31
N TYR A 73 22.65 0.93 20.19
CA TYR A 73 21.37 0.85 19.52
C TYR A 73 21.12 -0.55 18.98
N ALA A 74 22.16 -1.14 18.35
CA ALA A 74 21.99 -2.47 17.78
C ALA A 74 21.64 -3.50 18.84
N GLU A 75 22.27 -3.40 20.01
CA GLU A 75 21.98 -4.34 21.09
C GLU A 75 20.57 -4.14 21.65
N LEU A 76 20.11 -2.90 21.71
CA LEU A 76 18.73 -2.63 22.12
C LEU A 76 17.75 -3.23 21.12
N ILE A 77 17.97 -3.00 19.83
CA ILE A 77 17.06 -3.52 18.80
C ILE A 77 17.03 -5.04 18.81
N LYS A 78 18.19 -5.67 18.98
CA LYS A 78 18.24 -7.13 19.09
C LYS A 78 17.38 -7.63 20.25
N GLN A 79 17.39 -6.90 21.38
CA GLN A 79 16.53 -7.25 22.51
C GLN A 79 15.06 -7.08 22.17
N MET A 80 14.70 -5.95 21.55
CA MET A 80 13.30 -5.67 21.28
C MET A 80 12.70 -6.61 20.25
N TRP A 81 13.54 -7.17 19.36
CA TRP A 81 13.09 -8.09 18.33
C TRP A 81 13.51 -9.54 18.60
N SER A 82 13.99 -9.83 19.81
CA SER A 82 14.32 -11.22 20.14
C SER A 82 13.07 -12.05 20.39
N GLY A 83 11.99 -11.41 20.82
CA GLY A 83 10.78 -12.11 21.23
C GLY A 83 10.79 -12.56 22.67
N LYS A 84 11.89 -12.35 23.37
CA LYS A 84 11.98 -12.77 24.76
C LYS A 84 11.35 -11.77 25.73
N PHE A 85 11.02 -10.55 25.28
CA PHE A 85 10.57 -9.52 26.22
C PHE A 85 9.26 -8.90 25.78
N SER A 86 8.46 -8.52 26.76
CA SER A 86 7.34 -7.64 26.52
C SER A 86 7.70 -6.18 26.71
N TYR A 87 8.79 -5.92 27.43
CA TYR A 87 9.37 -4.58 27.52
C TYR A 87 10.79 -4.72 28.05
N VAL A 88 11.65 -3.77 27.69
CA VAL A 88 12.99 -3.69 28.23
C VAL A 88 13.23 -2.30 28.79
N THR A 89 14.22 -2.19 29.66
CA THR A 89 14.59 -0.93 30.30
C THR A 89 15.89 -0.48 29.66
N PRO A 90 15.87 0.54 28.79
CA PRO A 90 17.03 0.80 27.93
C PRO A 90 18.08 1.66 28.63
N ARG A 91 18.56 1.19 29.79
CA ARG A 91 19.52 1.98 30.57
C ARG A 91 20.86 2.10 29.84
N ALA A 92 21.30 1.03 29.18
CA ALA A 92 22.60 1.06 28.51
C ALA A 92 22.58 2.07 27.37
N PHE A 93 21.49 2.09 26.60
CA PHE A 93 21.38 3.02 25.49
C PHE A 93 21.24 4.44 25.99
N LYS A 94 20.41 4.66 27.01
CA LYS A 94 20.28 5.99 27.57
C LYS A 94 21.62 6.51 28.09
N THR A 95 22.45 5.60 28.62
CA THR A 95 23.76 5.99 29.12
C THR A 95 24.65 6.51 27.99
N GLN A 96 24.65 5.82 26.85
CA GLN A 96 25.46 6.29 25.73
C GLN A 96 24.91 7.59 25.17
N VAL A 97 23.59 7.75 25.12
CA VAL A 97 22.99 9.01 24.68
C VAL A 97 23.42 10.15 25.61
N GLY A 98 23.33 9.92 26.93
CA GLY A 98 23.75 10.95 27.88
C GLY A 98 25.22 11.30 27.75
N ARG A 99 26.05 10.31 27.42
CA ARG A 99 27.49 10.53 27.32
C ARG A 99 27.85 11.41 26.14
N PHE A 100 27.17 11.25 25.00
CA PHE A 100 27.52 12.02 23.82
C PHE A 100 26.58 13.19 23.54
N ALA A 101 25.43 13.22 24.20
CA ALA A 101 24.48 14.34 24.10
C ALA A 101 23.94 14.67 25.49
N PRO A 102 24.77 15.22 26.38
CA PRO A 102 24.30 15.51 27.74
C PRO A 102 23.12 16.46 27.80
N GLN A 103 22.90 17.25 26.74
CA GLN A 103 21.79 18.19 26.72
C GLN A 103 20.43 17.50 26.78
N PHE A 104 20.38 16.19 26.63
CA PHE A 104 19.11 15.49 26.74
C PHE A 104 18.97 14.85 28.13
N CYS A 112 15.17 18.35 23.75
CA CYS A 112 14.44 17.10 24.01
C CYS A 112 13.79 16.57 22.73
N GLN A 113 13.09 17.44 22.00
CA GLN A 113 12.51 17.03 20.72
C GLN A 113 13.53 16.93 19.59
N GLU A 114 14.79 17.28 19.84
CA GLU A 114 15.86 17.16 18.86
C GLU A 114 16.61 15.83 18.93
N LEU A 115 16.12 14.88 19.75
CA LEU A 115 16.87 13.64 19.92
C LEU A 115 16.92 12.82 18.65
N LEU A 116 15.86 12.85 17.85
CA LEU A 116 15.85 12.07 16.61
C LEU A 116 16.93 12.56 15.66
N ALA A 117 17.05 13.88 15.51
CA ALA A 117 18.14 14.43 14.69
C ALA A 117 19.51 13.99 15.22
N PHE A 118 19.70 14.05 16.54
CA PHE A 118 20.97 13.58 17.09
C PHE A 118 21.21 12.10 16.76
N LEU A 119 20.18 11.26 16.91
CA LEU A 119 20.36 9.83 16.71
C LEU A 119 20.65 9.49 15.25
N LEU A 120 19.93 10.12 14.31
CA LEU A 120 20.16 9.87 12.90
C LEU A 120 21.58 10.23 12.52
N ASP A 121 22.07 11.38 13.01
CA ASP A 121 23.44 11.83 12.76
C ASP A 121 24.44 10.92 13.45
N GLY A 122 24.18 10.55 14.71
CA GLY A 122 25.10 9.67 15.42
C GLY A 122 25.18 8.28 14.82
N LEU A 123 24.03 7.68 14.51
CA LEU A 123 24.06 6.39 13.82
C LEU A 123 24.83 6.49 12.51
N HIS A 124 24.63 7.57 11.77
CA HIS A 124 25.32 7.72 10.49
C HIS A 124 26.83 7.73 10.68
N GLU A 125 27.32 8.56 11.60
CA GLU A 125 28.77 8.71 11.68
C GLU A 125 29.43 7.48 12.30
N ASP A 126 28.77 6.84 13.27
CA ASP A 126 29.24 5.58 13.82
C ASP A 126 29.29 4.47 12.79
N LEU A 127 28.56 4.60 11.68
CA LEU A 127 28.49 3.58 10.64
C LEU A 127 28.98 4.12 9.30
N ASN A 128 29.70 5.24 9.31
CA ASN A 128 30.10 5.89 8.08
C ASN A 128 31.20 5.07 7.41
N ARG A 129 30.93 4.64 6.18
CA ARG A 129 31.87 3.81 5.45
C ARG A 129 33.08 4.60 4.97
N ILE A 130 33.01 5.94 4.97
CA ILE A 130 34.17 6.76 4.62
C ILE A 130 35.02 6.91 5.88
N ARG A 131 36.11 6.16 5.94
CA ARG A 131 36.99 6.19 7.10
C ARG A 131 38.01 7.33 7.05
N LYS A 132 38.41 7.79 5.87
CA LYS A 132 39.22 9.00 5.75
C LYS A 132 38.54 9.92 4.75
N LYS A 133 37.95 10.99 5.25
CA LYS A 133 37.06 11.84 4.48
C LYS A 133 37.86 12.91 3.73
N PRO A 134 37.64 13.05 2.43
CA PRO A 134 38.26 14.18 1.72
C PRO A 134 37.53 15.47 2.01
N TYR A 135 38.26 16.57 1.93
CA TYR A 135 37.66 17.88 1.99
C TYR A 135 37.41 18.36 0.57
N ILE A 136 36.18 18.77 0.27
CA ILE A 136 35.85 19.33 -1.03
C ILE A 136 35.22 20.70 -0.83
N GLN A 137 35.68 21.68 -1.60
CA GLN A 137 35.05 23.01 -1.60
C GLN A 137 33.76 22.94 -2.40
N LEU A 138 32.62 22.92 -1.71
CA LEU A 138 31.33 22.92 -2.38
C LEU A 138 31.13 24.23 -3.15
N LYS A 139 30.29 24.19 -4.18
CA LYS A 139 30.11 25.37 -5.02
C LYS A 139 28.63 25.58 -5.33
N ASP A 140 28.29 26.83 -5.64
CA ASP A 140 26.96 27.15 -6.12
C ASP A 140 26.78 26.67 -7.56
N ALA A 141 25.52 26.68 -8.00
CA ALA A 141 25.22 26.30 -9.37
C ALA A 141 25.97 27.17 -10.37
N ASP A 142 26.12 28.46 -10.08
CA ASP A 142 26.74 29.42 -10.99
C ASP A 142 26.12 29.30 -12.38
N GLY A 143 24.79 29.28 -12.43
CA GLY A 143 24.09 29.19 -13.68
C GLY A 143 24.11 27.84 -14.38
N ARG A 144 24.73 26.83 -13.79
CA ARG A 144 24.71 25.51 -14.42
C ARG A 144 23.33 24.85 -14.22
N PRO A 145 22.99 23.86 -15.06
CA PRO A 145 21.65 23.25 -14.95
C PRO A 145 21.47 22.51 -13.63
N ASP A 146 20.23 22.52 -13.14
CA ASP A 146 19.88 21.86 -11.89
C ASP A 146 20.37 20.42 -11.84
N LYS A 147 20.12 19.66 -12.91
CA LYS A 147 20.51 18.26 -12.94
C LYS A 147 22.00 18.08 -12.69
N VAL A 148 22.83 18.94 -13.30
CA VAL A 148 24.27 18.83 -13.18
C VAL A 148 24.72 19.20 -11.77
N VAL A 149 24.18 20.29 -11.22
CA VAL A 149 24.62 20.73 -9.90
C VAL A 149 24.17 19.74 -8.84
N ALA A 150 22.96 19.20 -8.98
CA ALA A 150 22.43 18.23 -8.02
C ALA A 150 23.25 16.95 -8.00
N GLU A 151 23.56 16.42 -9.19
CA GLU A 151 24.42 15.23 -9.25
C GLU A 151 25.77 15.50 -8.60
N GLU A 152 26.33 16.69 -8.84
CA GLU A 152 27.59 17.04 -8.22
C GLU A 152 27.44 17.12 -6.69
N ALA A 153 26.36 17.72 -6.22
CA ALA A 153 26.17 17.84 -4.78
C ALA A 153 26.04 16.47 -4.13
N TRP A 154 25.29 15.57 -4.76
CA TRP A 154 25.09 14.25 -4.17
C TRP A 154 26.38 13.43 -4.20
N GLU A 155 27.13 13.52 -5.31
CA GLU A 155 28.44 12.88 -5.35
C GLU A 155 29.37 13.41 -4.26
N ASN A 156 29.38 14.73 -4.04
CA ASN A 156 30.20 15.31 -2.99
C ASN A 156 29.75 14.86 -1.61
N HIS A 157 28.44 14.77 -1.40
CA HIS A 157 27.90 14.24 -0.14
C HIS A 157 28.38 12.83 0.11
N LEU A 158 28.30 11.96 -0.90
N LEU A 158 28.31 11.97 -0.90
CA LEU A 158 28.68 10.57 -0.71
CA LEU A 158 28.67 10.56 -0.74
C LEU A 158 30.19 10.38 -0.58
C LEU A 158 30.18 10.37 -0.58
N LYS A 159 31.00 11.33 -1.01
CA LYS A 159 32.43 11.24 -0.80
C LYS A 159 32.81 11.33 0.68
N ARG A 160 31.97 11.97 1.50
CA ARG A 160 32.20 12.11 2.93
C ARG A 160 31.19 11.36 3.79
N ASN A 161 30.06 10.91 3.20
CA ASN A 161 28.94 10.37 3.95
C ASN A 161 28.37 9.19 3.17
N ASP A 162 28.64 7.98 3.64
CA ASP A 162 28.26 6.76 2.94
C ASP A 162 27.93 5.77 4.05
N SER A 163 26.63 5.56 4.31
CA SER A 163 26.22 4.72 5.42
C SER A 163 24.82 4.19 5.17
N ILE A 164 24.42 3.22 5.98
CA ILE A 164 23.05 2.72 5.96
C ILE A 164 22.07 3.85 6.24
N ILE A 165 22.49 4.86 7.00
CA ILE A 165 21.60 5.98 7.31
C ILE A 165 21.43 6.87 6.08
N VAL A 166 22.52 7.14 5.35
CA VAL A 166 22.38 7.82 4.06
C VAL A 166 21.45 7.03 3.15
N ASP A 167 21.67 5.71 3.05
CA ASP A 167 20.90 4.85 2.15
C ASP A 167 19.41 4.95 2.45
N ILE A 168 19.04 4.96 3.72
CA ILE A 168 17.62 4.88 4.10
C ILE A 168 16.97 6.26 4.15
N PHE A 169 17.67 7.27 4.73
CA PHE A 169 17.02 8.50 5.15
C PHE A 169 17.40 9.77 4.40
N HIS A 170 18.53 9.82 3.71
CA HIS A 170 19.04 11.09 3.18
C HIS A 170 18.41 11.44 1.83
N GLY A 171 18.02 12.70 1.67
CA GLY A 171 17.54 13.24 0.42
C GLY A 171 18.28 14.53 0.06
N LEU A 172 17.78 15.26 -0.94
CA LEU A 172 18.47 16.44 -1.41
C LEU A 172 17.46 17.56 -1.63
N PHE A 173 17.75 18.73 -1.04
CA PHE A 173 17.04 19.97 -1.32
C PHE A 173 17.68 20.73 -2.46
N LYS A 174 16.87 21.51 -3.17
CA LYS A 174 17.34 22.66 -3.93
C LYS A 174 17.09 23.90 -3.08
N SER A 175 18.13 24.69 -2.82
CA SER A 175 18.02 25.93 -2.04
C SER A 175 18.29 27.13 -2.95
N THR A 176 17.33 28.06 -3.01
CA THR A 176 17.48 29.29 -3.79
C THR A 176 17.46 30.49 -2.84
N LEU A 177 18.58 31.21 -2.78
CA LEU A 177 18.71 32.43 -2.00
C LEU A 177 18.74 33.61 -2.96
N VAL A 178 17.99 34.66 -2.65
CA VAL A 178 17.88 35.84 -3.49
C VAL A 178 18.15 37.07 -2.64
N CYS A 179 19.21 37.81 -2.96
CA CYS A 179 19.58 38.99 -2.18
C CYS A 179 18.63 40.14 -2.48
N PRO A 180 18.02 40.76 -1.48
CA PRO A 180 17.06 41.84 -1.76
C PRO A 180 17.71 43.10 -2.33
N GLU A 181 19.01 43.32 -2.06
CA GLU A 181 19.65 44.57 -2.48
C GLU A 181 20.18 44.49 -3.92
N CYS A 182 20.87 43.42 -4.28
CA CYS A 182 21.46 43.32 -5.61
C CYS A 182 20.73 42.36 -6.53
N ALA A 183 19.73 41.66 -6.02
CA ALA A 183 18.91 40.71 -6.79
C ALA A 183 19.70 39.52 -7.30
N LYS A 184 20.85 39.20 -6.70
CA LYS A 184 21.59 38.00 -7.08
C LYS A 184 20.87 36.74 -6.59
N ILE A 185 20.88 35.71 -7.42
CA ILE A 185 20.29 34.41 -7.10
C ILE A 185 21.42 33.41 -6.91
N SER A 186 21.47 32.77 -5.74
CA SER A 186 22.45 31.74 -5.42
C SER A 186 21.73 30.43 -5.18
N VAL A 187 22.02 29.42 -6.00
CA VAL A 187 21.37 28.11 -5.93
C VAL A 187 22.39 27.08 -5.47
N THR A 188 22.00 26.27 -4.49
CA THR A 188 22.82 25.15 -4.03
C THR A 188 21.89 23.95 -3.87
N PHE A 189 22.49 22.76 -3.79
CA PHE A 189 21.75 21.55 -3.51
C PHE A 189 22.31 20.96 -2.23
N ASP A 190 21.44 20.72 -1.25
CA ASP A 190 21.89 20.45 0.09
C ASP A 190 21.19 19.21 0.63
N PRO A 191 21.94 18.29 1.20
CA PRO A 191 21.34 17.07 1.74
C PRO A 191 20.52 17.33 2.99
N PHE A 192 19.56 16.43 3.23
CA PHE A 192 18.76 16.42 4.44
C PHE A 192 18.55 14.98 4.89
N CYS A 193 18.33 14.77 6.19
CA CYS A 193 17.91 13.46 6.67
C CYS A 193 16.56 13.46 7.35
N TYR A 194 15.90 14.62 7.46
CA TYR A 194 14.49 14.71 7.83
C TYR A 194 13.98 16.07 7.37
N LEU A 195 12.67 16.22 7.37
CA LEU A 195 12.02 17.47 7.01
C LEU A 195 11.31 18.03 8.24
N THR A 196 11.40 19.35 8.43
CA THR A 196 10.59 20.05 9.42
C THR A 196 9.61 20.94 8.67
N LEU A 197 8.33 20.62 8.80
CA LEU A 197 7.28 21.31 8.06
C LEU A 197 6.63 22.39 8.92
N PRO A 198 6.46 23.60 8.41
CA PRO A 198 5.69 24.61 9.13
C PRO A 198 4.21 24.31 9.03
N LEU A 199 3.48 24.80 10.03
CA LEU A 199 2.03 24.80 9.98
C LEU A 199 1.53 26.22 9.72
N PRO A 200 0.33 26.37 9.16
CA PRO A 200 -0.19 27.71 8.87
C PRO A 200 -0.26 28.59 10.11
N MET A 201 0.15 29.84 9.95
CA MET A 201 -0.03 30.91 10.92
C MET A 201 -0.75 32.07 10.24
N PRO A 202 -1.84 32.61 10.81
CA PRO A 202 -2.43 32.26 12.10
C PRO A 202 -3.01 30.84 12.11
N LYS A 203 -3.23 30.32 13.32
CA LYS A 203 -3.52 28.92 13.49
C LYS A 203 -4.86 28.55 12.86
N LYS A 204 -4.85 27.45 12.11
CA LYS A 204 -6.05 26.89 11.53
C LYS A 204 -6.45 25.63 12.29
N PRO A 205 -7.74 25.30 12.32
CA PRO A 205 -8.14 24.06 12.99
C PRO A 205 -7.80 22.82 12.20
N PHE A 206 -7.64 22.93 10.88
CA PHE A 206 -7.44 21.75 10.03
C PHE A 206 -6.58 22.14 8.84
N VAL A 207 -5.64 21.26 8.50
CA VAL A 207 -4.82 21.46 7.32
C VAL A 207 -4.40 20.09 6.82
N LYS A 208 -4.35 19.92 5.51
N LYS A 208 -4.37 19.93 5.51
CA LYS A 208 -3.81 18.71 4.91
CA LYS A 208 -3.79 18.74 4.89
C LYS A 208 -2.28 18.77 4.92
C LYS A 208 -2.27 18.78 5.02
N LEU A 209 -1.65 17.59 5.09
CA LEU A 209 -0.20 17.54 5.12
C LEU A 209 0.38 18.16 3.84
N LYS A 210 -0.27 17.90 2.70
CA LYS A 210 0.13 18.51 1.43
C LYS A 210 0.24 20.03 1.53
N ASP A 211 -0.64 20.65 2.31
CA ASP A 211 -0.58 22.10 2.48
C ASP A 211 0.66 22.52 3.28
N CYS A 212 1.06 21.71 4.27
CA CYS A 212 2.28 22.06 5.01
C CYS A 212 3.51 21.88 4.14
N ILE A 213 3.48 20.88 3.24
CA ILE A 213 4.57 20.69 2.30
C ILE A 213 4.66 21.88 1.36
N GLU A 214 3.51 22.34 0.85
CA GLU A 214 3.50 23.53 0.01
C GLU A 214 4.04 24.74 0.76
N LEU A 215 3.69 24.89 2.03
CA LEU A 215 4.22 25.96 2.85
C LEU A 215 5.73 25.81 3.03
N PHE A 216 6.20 24.57 3.18
CA PHE A 216 7.63 24.33 3.35
C PHE A 216 8.43 24.78 2.13
N THR A 217 7.87 24.62 0.92
CA THR A 217 8.55 25.00 -0.31
C THR A 217 8.21 26.41 -0.77
N THR A 218 7.55 27.20 0.07
CA THR A 218 7.20 28.58 -0.24
C THR A 218 8.35 29.50 0.13
N LYS A 219 8.70 30.41 -0.78
CA LYS A 219 9.67 31.47 -0.53
C LYS A 219 9.47 32.08 0.86
N GLU A 220 10.57 32.36 1.54
CA GLU A 220 10.53 33.00 2.85
C GLU A 220 11.71 33.96 2.99
N LYS A 221 11.43 35.22 3.33
CA LYS A 221 12.49 36.16 3.64
C LYS A 221 13.12 35.81 4.98
N LEU A 222 14.44 35.71 5.02
CA LEU A 222 15.14 35.43 6.27
C LEU A 222 14.99 36.59 7.25
N GLY A 223 14.79 36.26 8.53
CA GLY A 223 14.64 37.28 9.56
C GLY A 223 15.96 37.94 9.92
N ASP A 226 18.64 36.12 11.18
CA ASP A 226 19.26 34.99 10.47
C ASP A 226 19.63 35.36 9.03
N PRO A 227 20.41 36.41 8.83
CA PRO A 227 20.70 36.87 7.46
C PRO A 227 21.69 35.95 6.77
N TRP A 228 21.86 36.20 5.48
CA TRP A 228 22.69 35.40 4.59
C TRP A 228 23.73 36.30 3.94
N TYR A 229 24.97 35.81 3.86
CA TYR A 229 26.06 36.62 3.31
C TYR A 229 25.98 36.62 1.79
N CYS A 230 25.68 37.79 1.21
CA CYS A 230 25.72 37.93 -0.24
C CYS A 230 27.17 38.11 -0.69
N PRO A 231 27.69 37.22 -1.53
CA PRO A 231 29.09 37.39 -1.97
C PRO A 231 29.28 38.54 -2.93
N ASN A 232 28.20 39.03 -3.53
CA ASN A 232 28.28 40.20 -4.41
C ASN A 232 28.28 41.50 -3.61
N CYS A 233 27.29 41.67 -2.73
CA CYS A 233 27.26 42.84 -1.85
C CYS A 233 28.36 42.80 -0.78
N LYS A 234 28.92 41.62 -0.50
CA LYS A 234 29.85 41.44 0.62
C LYS A 234 29.25 41.98 1.92
N GLU A 235 27.95 41.75 2.07
CA GLU A 235 27.21 42.04 3.30
C GLU A 235 26.34 40.85 3.62
N HIS A 236 25.90 40.77 4.88
CA HIS A 236 24.86 39.83 5.27
C HIS A 236 23.50 40.47 5.04
N GLN A 237 22.65 39.79 4.28
CA GLN A 237 21.39 40.33 3.82
C GLN A 237 20.23 39.45 4.28
N GLN A 238 19.08 40.08 4.51
CA GLN A 238 17.85 39.32 4.77
C GLN A 238 17.27 38.87 3.44
N ALA A 239 18.01 37.95 2.80
CA ALA A 239 17.58 37.36 1.55
C ALA A 239 16.31 36.55 1.75
N THR A 240 15.70 36.16 0.64
CA THR A 240 14.62 35.18 0.68
C THR A 240 15.18 33.82 0.30
N LYS A 241 14.74 32.79 1.02
CA LYS A 241 15.16 31.42 0.81
C LYS A 241 13.96 30.61 0.33
N LYS A 242 14.14 29.85 -0.76
CA LYS A 242 13.11 28.95 -1.25
C LYS A 242 13.69 27.55 -1.33
N LEU A 243 13.04 26.60 -0.65
CA LEU A 243 13.46 25.20 -0.67
C LEU A 243 12.57 24.45 -1.64
N ASP A 244 13.19 23.53 -2.40
CA ASP A 244 12.47 22.59 -3.24
C ASP A 244 12.99 21.19 -2.93
N LEU A 245 12.10 20.21 -2.96
CA LEU A 245 12.49 18.82 -2.76
C LEU A 245 13.01 18.28 -4.09
N TRP A 246 14.31 17.97 -4.14
CA TRP A 246 14.89 17.46 -5.38
C TRP A 246 14.94 15.93 -5.42
N SER A 247 15.48 15.30 -4.37
CA SER A 247 15.57 13.85 -4.29
C SER A 247 15.04 13.40 -2.94
N LEU A 248 14.25 12.32 -2.94
CA LEU A 248 13.64 11.86 -1.71
C LEU A 248 14.14 10.47 -1.33
N PRO A 249 14.23 10.20 -0.02
CA PRO A 249 14.83 8.94 0.47
C PRO A 249 13.82 7.81 0.53
N PRO A 250 14.28 6.56 0.65
CA PRO A 250 13.37 5.44 0.92
C PRO A 250 12.48 5.65 2.12
N VAL A 251 12.99 6.27 3.18
CA VAL A 251 12.20 6.54 4.38
C VAL A 251 12.32 8.03 4.65
N LEU A 252 11.18 8.71 4.68
CA LEU A 252 11.10 10.14 4.87
C LEU A 252 10.59 10.39 6.28
N VAL A 253 11.39 11.11 7.07
CA VAL A 253 11.02 11.49 8.44
C VAL A 253 10.49 12.92 8.40
N VAL A 254 9.26 13.12 8.86
CA VAL A 254 8.56 14.40 8.72
C VAL A 254 8.21 14.94 10.11
N HIS A 255 8.82 16.06 10.49
CA HIS A 255 8.59 16.70 11.79
C HIS A 255 7.61 17.85 11.60
N LEU A 256 6.51 17.85 12.35
CA LEU A 256 5.53 18.93 12.29
C LEU A 256 5.89 19.98 13.34
N LYS A 257 6.12 21.21 12.90
CA LYS A 257 6.65 22.24 13.80
C LYS A 257 5.47 22.86 14.54
N ARG A 258 5.15 22.28 15.70
CA ARG A 258 4.05 22.78 16.52
C ARG A 258 4.52 23.72 17.62
N PHE A 259 5.78 23.65 18.02
CA PHE A 259 6.27 24.36 19.19
C PHE A 259 6.99 25.64 18.79
N SER A 260 7.59 26.29 19.79
CA SER A 260 8.35 27.52 19.64
C SER A 260 9.14 27.71 20.93
N TYR A 261 10.19 28.53 20.84
CA TYR A 261 10.97 28.85 22.02
C TYR A 261 10.12 29.65 23.00
N SER A 262 10.51 29.58 24.29
CA SER A 262 9.73 30.23 25.33
C SER A 262 9.51 31.71 25.05
N ARG A 263 10.51 32.39 24.48
CA ARG A 263 10.44 33.84 24.31
C ARG A 263 9.25 34.28 23.46
N TYR A 264 8.84 33.45 22.50
CA TYR A 264 7.71 33.82 21.65
C TYR A 264 6.39 33.76 22.40
N MET A 265 6.35 33.10 23.56
CA MET A 265 5.15 33.01 24.39
C MET A 265 3.94 32.50 23.60
N ARG A 266 4.15 31.40 22.88
CA ARG A 266 3.15 30.86 21.98
C ARG A 266 2.67 29.51 22.49
N ASP A 267 1.34 29.36 22.54
CA ASP A 267 0.73 28.05 22.74
C ASP A 267 1.12 27.11 21.60
N LYS A 268 1.43 25.86 21.95
CA LYS A 268 1.64 24.81 20.95
C LYS A 268 0.47 24.76 19.98
N LEU A 269 0.79 24.74 18.68
CA LEU A 269 -0.25 24.63 17.66
C LEU A 269 -0.86 23.24 17.69
N ASP A 270 -2.16 23.14 17.99
CA ASP A 270 -2.86 21.86 17.97
C ASP A 270 -3.77 21.71 16.77
N THR A 271 -3.41 22.34 15.65
CA THR A 271 -4.05 22.08 14.37
C THR A 271 -4.17 20.59 14.11
N LEU A 272 -5.31 20.18 13.60
CA LEU A 272 -5.44 18.82 13.07
C LEU A 272 -4.76 18.80 11.71
N VAL A 273 -3.56 18.23 11.66
CA VAL A 273 -2.88 18.02 10.39
C VAL A 273 -3.31 16.66 9.88
N ASP A 274 -4.04 16.64 8.77
CA ASP A 274 -4.55 15.39 8.20
C ASP A 274 -3.46 14.82 7.30
N PHE A 275 -2.79 13.79 7.76
CA PHE A 275 -1.73 13.17 6.96
C PHE A 275 -2.19 11.81 6.45
N PRO A 276 -1.78 11.41 5.24
CA PRO A 276 -2.19 10.11 4.72
C PRO A 276 -1.65 8.94 5.53
N ILE A 277 -2.51 7.95 5.77
CA ILE A 277 -1.99 6.65 6.17
C ILE A 277 -1.35 5.94 4.98
N ASN A 278 -2.03 5.99 3.83
CA ASN A 278 -1.58 5.33 2.61
C ASN A 278 -1.42 6.37 1.51
N ASP A 279 -0.37 6.20 0.69
CA ASP A 279 -0.21 6.93 -0.57
C ASP A 279 -0.17 8.44 -0.39
N LEU A 280 0.82 8.87 0.40
CA LEU A 280 1.27 10.25 0.31
C LEU A 280 2.11 10.38 -0.97
N ASP A 281 1.71 11.29 -1.86
CA ASP A 281 2.43 11.49 -3.11
C ASP A 281 3.22 12.78 -3.02
N MET A 282 4.51 12.71 -3.33
CA MET A 282 5.27 13.95 -3.44
C MET A 282 6.46 13.75 -4.37
N SER A 283 6.66 14.72 -5.26
CA SER A 283 7.81 14.77 -6.16
C SER A 283 7.96 13.47 -6.96
N GLY A 284 6.82 12.82 -7.27
CA GLY A 284 6.81 11.61 -8.07
C GLY A 284 6.98 10.31 -7.29
N CYS A 285 7.25 10.36 -5.99
CA CYS A 285 7.31 9.17 -5.17
C CYS A 285 5.99 8.99 -4.41
N ARG A 286 5.71 7.75 -4.04
CA ARG A 286 4.50 7.44 -3.28
C ARG A 286 4.89 6.75 -1.98
N TYR A 287 4.37 7.25 -0.86
CA TYR A 287 4.79 6.85 0.49
C TYR A 287 3.63 6.32 1.31
N ASN A 288 3.93 5.38 2.19
CA ASN A 288 2.99 4.82 3.16
C ASN A 288 3.51 5.02 4.58
N LEU A 289 2.60 5.38 5.47
CA LEU A 289 2.96 5.63 6.87
C LEU A 289 3.41 4.34 7.54
N ILE A 290 4.50 4.40 8.31
CA ILE A 290 4.89 3.25 9.11
C ILE A 290 5.03 3.56 10.60
N ALA A 291 5.16 4.83 11.01
CA ALA A 291 5.19 5.13 12.44
C ALA A 291 4.83 6.58 12.63
N VAL A 292 4.34 6.90 13.84
CA VAL A 292 3.98 8.26 14.22
C VAL A 292 4.43 8.45 15.66
N SER A 293 5.20 9.50 15.94
CA SER A 293 5.45 9.93 17.32
C SER A 293 4.39 10.93 17.70
N ASN A 294 3.73 10.71 18.86
CA ASN A 294 2.72 11.62 19.35
C ASN A 294 3.27 12.37 20.55
N HIS A 295 2.90 13.63 20.68
CA HIS A 295 3.27 14.42 21.84
C HIS A 295 2.01 14.96 22.50
N TYR A 296 1.89 14.74 23.81
CA TYR A 296 0.79 15.29 24.59
C TYR A 296 1.35 16.34 25.54
N GLY A 297 0.78 17.55 25.49
CA GLY A 297 1.37 18.70 26.17
C GLY A 297 1.24 18.70 27.68
N GLY A 302 6.12 17.46 28.04
CA GLY A 302 4.90 16.67 28.14
C GLY A 302 5.13 15.17 28.19
N HIS A 303 4.42 14.41 27.36
CA HIS A 303 4.59 12.98 27.27
C HIS A 303 4.51 12.54 25.81
N TYR A 304 5.37 11.61 25.41
CA TYR A 304 5.41 11.14 24.02
C TYR A 304 5.06 9.66 23.91
N THR A 305 4.28 9.30 22.90
CA THR A 305 3.99 7.90 22.62
C THR A 305 4.23 7.68 21.13
N ALA A 306 3.93 6.47 20.65
CA ALA A 306 4.14 6.18 19.24
C ALA A 306 3.10 5.20 18.77
N PHE A 307 2.66 5.38 17.51
CA PHE A 307 2.00 4.34 16.72
C PHE A 307 3.04 3.73 15.78
N ALA A 308 2.99 2.42 15.56
CA ALA A 308 3.88 1.84 14.55
C ALA A 308 3.24 0.60 13.96
N LYS A 309 3.56 0.35 12.70
CA LYS A 309 3.11 -0.82 11.97
C LYS A 309 4.16 -1.92 12.11
N ASN A 310 3.78 -3.06 12.68
CA ASN A 310 4.73 -4.15 12.86
C ASN A 310 4.98 -4.86 11.53
N LYS A 311 6.27 -5.02 11.18
CA LYS A 311 6.60 -5.50 9.84
C LYS A 311 6.18 -6.95 9.63
N ASP A 312 6.01 -7.73 10.71
CA ASP A 312 5.78 -9.17 10.57
C ASP A 312 4.31 -9.57 10.52
N ASP A 313 3.40 -8.78 11.10
CA ASP A 313 1.97 -9.07 10.97
C ASP A 313 1.17 -7.98 10.28
N GLY A 314 1.82 -6.88 9.86
CA GLY A 314 1.16 -5.80 9.15
C GLY A 314 0.17 -4.99 9.96
N LYS A 315 0.03 -5.22 11.26
CA LYS A 315 -0.96 -4.52 12.05
C LYS A 315 -0.36 -3.30 12.76
N TRP A 316 -1.23 -2.38 13.18
CA TRP A 316 -0.80 -1.17 13.89
C TRP A 316 -0.85 -1.41 15.39
N TYR A 317 0.14 -0.84 16.09
CA TYR A 317 0.25 -0.96 17.53
C TYR A 317 0.53 0.40 18.15
N TYR A 318 0.12 0.56 19.41
CA TYR A 318 0.34 1.78 20.17
C TYR A 318 1.34 1.47 21.28
N PHE A 319 2.40 2.28 21.35
CA PHE A 319 3.52 2.09 22.28
C PHE A 319 3.53 3.27 23.25
N ASP A 320 3.20 3.01 24.52
CA ASP A 320 3.21 4.03 25.56
C ASP A 320 4.15 3.52 26.64
N ASP A 321 5.43 3.88 26.51
CA ASP A 321 6.50 3.37 27.35
C ASP A 321 6.44 1.85 27.40
N SER A 322 6.20 1.26 28.58
CA SER A 322 6.32 -0.21 28.63
C SER A 322 5.12 -0.90 28.03
N SER A 323 4.01 -0.20 27.81
CA SER A 323 2.77 -0.81 27.39
C SER A 323 2.67 -0.81 25.87
N VAL A 324 2.34 -1.97 25.30
CA VAL A 324 2.09 -2.13 23.87
C VAL A 324 0.68 -2.69 23.72
N SER A 325 -0.10 -2.09 22.82
CA SER A 325 -1.47 -2.54 22.60
C SER A 325 -1.80 -2.40 21.12
N THR A 326 -2.80 -3.17 20.69
CA THR A 326 -3.25 -3.04 19.32
C THR A 326 -3.89 -1.69 19.11
N ALA A 327 -3.81 -1.20 17.88
CA ALA A 327 -4.34 0.09 17.46
C ALA A 327 -5.11 -0.12 16.17
N SER A 328 -5.97 0.84 15.84
CA SER A 328 -6.63 0.86 14.54
C SER A 328 -6.18 2.10 13.77
N GLU A 329 -6.10 1.94 12.44
CA GLU A 329 -5.74 3.05 11.56
C GLU A 329 -6.51 4.31 11.86
N ASP A 330 -7.79 4.17 12.22
CA ASP A 330 -8.65 5.33 12.46
C ASP A 330 -8.22 6.14 13.68
N GLN A 331 -7.40 5.57 14.56
CA GLN A 331 -6.88 6.29 15.73
C GLN A 331 -5.68 7.17 15.39
N ILE A 332 -5.04 6.97 14.24
CA ILE A 332 -3.68 7.46 14.07
C ILE A 332 -3.66 8.97 13.86
N VAL A 333 -4.56 9.50 13.03
CA VAL A 333 -4.57 10.93 12.76
C VAL A 333 -5.25 11.61 13.94
N SER A 334 -4.46 12.33 14.72
CA SER A 334 -4.95 13.10 15.85
C SER A 334 -4.15 14.39 15.92
N LYS A 335 -4.60 15.33 16.75
CA LYS A 335 -3.86 16.56 16.93
C LYS A 335 -2.52 16.37 17.63
N ALA A 336 -2.29 15.20 18.23
CA ALA A 336 -1.03 14.92 18.92
C ALA A 336 0.09 14.51 17.99
N ALA A 337 -0.18 14.21 16.72
CA ALA A 337 0.87 13.73 15.82
C ALA A 337 1.99 14.75 15.70
N TYR A 338 3.22 14.29 15.87
CA TYR A 338 4.39 15.14 15.99
C TYR A 338 5.45 14.82 14.94
N VAL A 339 5.85 13.56 14.82
CA VAL A 339 6.80 13.14 13.79
C VAL A 339 6.16 11.97 13.05
N LEU A 340 6.23 12.01 11.71
CA LEU A 340 5.67 10.98 10.86
C LEU A 340 6.81 10.27 10.14
N PHE A 341 6.78 8.93 10.13
CA PHE A 341 7.74 8.11 9.38
C PHE A 341 7.00 7.51 8.18
N TYR A 342 7.52 7.77 6.97
CA TYR A 342 6.91 7.30 5.73
C TYR A 342 7.92 6.44 4.97
N GLN A 343 7.46 5.30 4.44
CA GLN A 343 8.30 4.39 3.67
C GLN A 343 7.84 4.37 2.21
N ARG A 344 8.80 4.50 1.29
CA ARG A 344 8.45 4.62 -0.11
C ARG A 344 7.84 3.31 -0.60
N GLN A 345 6.74 3.43 -1.32
CA GLN A 345 6.16 2.28 -1.97
C GLN A 345 7.01 1.91 -3.19
N ASN B 14 7.61 -24.82 5.90
CA ASN B 14 7.04 -25.89 6.74
C ASN B 14 6.51 -25.36 8.05
N GLU B 15 6.58 -24.05 8.24
CA GLU B 15 6.37 -23.47 9.56
C GLU B 15 5.60 -22.16 9.56
N GLN B 16 5.63 -21.35 8.48
CA GLN B 16 4.89 -20.09 8.61
C GLN B 16 3.45 -20.29 8.16
N PRO B 17 2.47 -19.87 8.95
CA PRO B 17 1.07 -19.99 8.52
C PRO B 17 0.85 -19.39 7.14
N GLY B 18 0.11 -20.11 6.30
CA GLY B 18 -0.22 -19.67 4.97
C GLY B 18 0.82 -20.01 3.92
N LEU B 19 2.07 -20.25 4.31
CA LEU B 19 3.11 -20.66 3.36
C LEU B 19 3.10 -22.19 3.24
N CYS B 20 1.98 -22.69 2.74
CA CYS B 20 1.70 -24.12 2.71
C CYS B 20 1.27 -24.52 1.31
N GLY B 21 1.97 -25.50 0.71
CA GLY B 21 1.62 -25.99 -0.61
C GLY B 21 0.47 -27.00 -0.59
N LEU B 22 0.10 -27.46 -1.79
CA LEU B 22 -0.99 -28.41 -1.96
C LEU B 22 -0.57 -29.52 -2.90
N SER B 23 -0.71 -30.77 -2.45
CA SER B 23 -0.35 -31.93 -3.27
C SER B 23 -1.15 -31.97 -4.56
N ASN B 24 -0.48 -32.39 -5.62
CA ASN B 24 -1.10 -32.59 -6.93
C ASN B 24 -1.68 -34.00 -6.96
N LEU B 25 -3.00 -34.10 -6.96
CA LEU B 25 -3.67 -35.39 -6.87
C LEU B 25 -3.96 -36.00 -8.24
N GLY B 26 -3.44 -35.41 -9.31
CA GLY B 26 -3.66 -35.89 -10.65
C GLY B 26 -4.00 -34.77 -11.62
N PHE B 30 -6.44 -26.77 -12.31
CA PHE B 30 -6.56 -25.39 -11.85
C PHE B 30 -6.94 -25.32 -10.36
N MET B 31 -7.25 -26.47 -9.76
CA MET B 31 -7.81 -26.46 -8.40
C MET B 31 -6.84 -25.88 -7.38
N ASN B 32 -5.59 -26.34 -7.38
CA ASN B 32 -4.65 -25.87 -6.37
C ASN B 32 -4.38 -24.38 -6.53
N SER B 33 -4.22 -23.92 -7.76
CA SER B 33 -4.00 -22.49 -8.02
C SER B 33 -5.16 -21.66 -7.47
N ALA B 34 -6.38 -22.08 -7.78
CA ALA B 34 -7.58 -21.39 -7.29
C ALA B 34 -7.64 -21.36 -5.76
N ILE B 35 -7.37 -22.51 -5.12
CA ILE B 35 -7.37 -22.55 -3.66
C ILE B 35 -6.34 -21.57 -3.09
N GLN B 36 -5.17 -21.47 -3.74
CA GLN B 36 -4.14 -20.58 -3.21
C GLN B 36 -4.57 -19.12 -3.32
N CYS B 37 -5.24 -18.76 -4.42
CA CYS B 37 -5.76 -17.40 -4.53
C CYS B 37 -6.77 -17.12 -3.42
N LEU B 38 -7.74 -18.02 -3.24
CA LEU B 38 -8.75 -17.82 -2.20
C LEU B 38 -8.13 -17.83 -0.80
N SER B 39 -7.18 -18.74 -0.58
CA SER B 39 -6.51 -18.81 0.72
C SER B 39 -5.84 -17.50 1.08
N ASN B 40 -5.32 -16.79 0.08
CA ASN B 40 -4.64 -15.52 0.30
C ASN B 40 -5.53 -14.33 0.05
N THR B 41 -6.86 -14.53 0.16
CA THR B 41 -7.85 -13.49 0.26
C THR B 41 -8.13 -13.25 1.75
N PRO B 42 -7.55 -12.20 2.33
CA PRO B 42 -7.48 -12.10 3.82
C PRO B 42 -8.85 -12.06 4.49
N PRO B 43 -9.84 -11.28 4.02
CA PRO B 43 -11.14 -11.33 4.72
C PRO B 43 -11.81 -12.69 4.64
N LEU B 44 -11.53 -13.48 3.61
CA LEU B 44 -12.15 -14.81 3.52
C LEU B 44 -11.47 -15.79 4.48
N THR B 45 -10.15 -15.79 4.49
CA THR B 45 -9.43 -16.69 5.38
C THR B 45 -9.64 -16.31 6.84
N GLU B 46 -9.73 -15.01 7.14
CA GLU B 46 -9.95 -14.62 8.53
C GLU B 46 -11.36 -15.00 9.00
N TYR B 47 -12.34 -14.93 8.12
CA TYR B 47 -13.69 -15.42 8.43
C TYR B 47 -13.66 -16.89 8.85
N PHE B 48 -12.92 -17.73 8.13
CA PHE B 48 -12.92 -19.14 8.48
C PHE B 48 -12.06 -19.44 9.70
N LEU B 49 -10.92 -18.76 9.84
CA LEU B 49 -10.01 -19.05 10.95
C LEU B 49 -10.61 -18.61 12.28
N ASN B 50 -11.49 -17.59 12.25
CA ASN B 50 -12.19 -17.11 13.43
C ASN B 50 -13.49 -17.87 13.68
N ASP B 51 -13.68 -19.00 13.02
CA ASP B 51 -14.85 -19.87 13.19
C ASP B 51 -16.16 -19.10 13.08
N LYS B 52 -16.21 -18.12 12.19
CA LYS B 52 -17.46 -17.41 11.99
C LYS B 52 -18.43 -18.17 11.09
N TYR B 53 -17.97 -19.23 10.42
CA TYR B 53 -18.82 -19.90 9.44
C TYR B 53 -19.80 -20.89 10.05
N GLN B 54 -19.47 -21.57 11.16
CA GLN B 54 -20.34 -22.65 11.64
C GLN B 54 -21.76 -22.14 11.88
N GLU B 55 -21.90 -20.97 12.51
CA GLU B 55 -23.22 -20.38 12.73
C GLU B 55 -23.95 -20.03 11.43
N GLU B 56 -23.23 -19.86 10.32
CA GLU B 56 -23.88 -19.43 9.08
C GLU B 56 -24.05 -20.55 8.07
N LEU B 57 -23.62 -21.77 8.40
CA LEU B 57 -23.83 -22.89 7.49
C LEU B 57 -25.31 -23.05 7.19
N ASN B 58 -25.63 -23.26 5.92
CA ASN B 58 -27.01 -23.29 5.46
C ASN B 58 -27.22 -24.69 4.89
N PHE B 59 -27.75 -25.59 5.72
CA PHE B 59 -27.85 -26.99 5.32
C PHE B 59 -29.02 -27.26 4.36
N ASP B 60 -30.03 -26.41 4.32
CA ASP B 60 -31.26 -26.70 3.57
C ASP B 60 -31.40 -25.89 2.28
N ASN B 61 -30.38 -25.14 1.90
CA ASN B 61 -30.44 -24.30 0.70
C ASN B 61 -30.63 -25.13 -0.56
N PRO B 62 -31.70 -24.92 -1.32
CA PRO B 62 -31.87 -25.65 -2.59
C PRO B 62 -30.70 -25.49 -3.56
N LEU B 63 -29.96 -24.40 -3.50
CA LEU B 63 -28.83 -24.19 -4.40
C LEU B 63 -27.48 -24.52 -3.78
N GLY B 64 -27.46 -25.02 -2.53
CA GLY B 64 -26.22 -25.28 -1.83
C GLY B 64 -25.81 -26.74 -1.91
N MET B 65 -24.77 -27.07 -1.16
CA MET B 65 -24.22 -28.42 -1.06
C MET B 65 -24.31 -28.95 0.36
N ARG B 66 -25.39 -28.63 1.07
CA ARG B 66 -25.62 -29.13 2.43
C ARG B 66 -24.60 -28.62 3.43
N GLY B 67 -23.89 -27.54 3.09
CA GLY B 67 -22.80 -27.06 3.91
C GLY B 67 -21.47 -27.74 3.69
N GLU B 68 -21.40 -28.72 2.79
CA GLU B 68 -20.22 -29.57 2.71
C GLU B 68 -19.06 -28.93 1.96
N ILE B 69 -19.34 -28.00 1.03
CA ILE B 69 -18.24 -27.26 0.38
C ILE B 69 -17.63 -26.27 1.38
N ALA B 70 -18.47 -25.52 2.09
CA ALA B 70 -17.92 -24.58 3.07
C ALA B 70 -17.19 -25.32 4.20
N LYS B 71 -17.74 -26.44 4.68
CA LYS B 71 -17.08 -27.18 5.76
C LYS B 71 -15.72 -27.72 5.32
N SER B 72 -15.65 -28.32 4.13
CA SER B 72 -14.38 -28.91 3.71
C SER B 72 -13.37 -27.83 3.32
N TYR B 73 -13.84 -26.73 2.74
CA TYR B 73 -12.95 -25.61 2.44
C TYR B 73 -12.37 -25.05 3.74
N ALA B 74 -13.23 -24.85 4.74
CA ALA B 74 -12.77 -24.29 6.00
C ALA B 74 -11.72 -25.17 6.65
N GLU B 75 -11.91 -26.49 6.58
CA GLU B 75 -10.94 -27.42 7.16
C GLU B 75 -9.58 -27.27 6.50
N LEU B 76 -9.55 -27.18 5.16
CA LEU B 76 -8.29 -27.05 4.43
C LEU B 76 -7.60 -25.73 4.76
N ILE B 77 -8.37 -24.62 4.79
CA ILE B 77 -7.78 -23.32 5.16
C ILE B 77 -7.19 -23.38 6.56
N LYS B 78 -7.90 -24.03 7.49
CA LYS B 78 -7.40 -24.16 8.85
C LYS B 78 -6.06 -24.89 8.90
N GLN B 79 -5.92 -25.97 8.15
CA GLN B 79 -4.64 -26.68 8.05
C GLN B 79 -3.56 -25.80 7.42
N MET B 80 -3.89 -25.15 6.30
CA MET B 80 -2.90 -24.32 5.60
C MET B 80 -2.43 -23.15 6.45
N TRP B 81 -3.30 -22.58 7.28
CA TRP B 81 -2.93 -21.46 8.13
C TRP B 81 -2.61 -21.90 9.56
N SER B 82 -2.42 -23.21 9.77
CA SER B 82 -2.02 -23.68 11.10
C SER B 82 -0.56 -23.35 11.39
N GLY B 83 0.27 -23.35 10.34
CA GLY B 83 1.70 -23.28 10.54
C GLY B 83 2.35 -24.60 10.84
N LYS B 84 1.61 -25.71 10.75
CA LYS B 84 2.15 -27.03 11.07
C LYS B 84 2.55 -27.83 9.85
N PHE B 85 2.38 -27.29 8.64
CA PHE B 85 2.65 -28.06 7.43
C PHE B 85 3.42 -27.23 6.43
N SER B 86 4.23 -27.92 5.62
CA SER B 86 4.84 -27.35 4.42
C SER B 86 3.97 -27.55 3.19
N TYR B 87 3.16 -28.60 3.21
CA TYR B 87 2.11 -28.82 2.21
C TYR B 87 1.09 -29.77 2.83
N VAL B 88 -0.12 -29.76 2.27
CA VAL B 88 -1.17 -30.69 2.67
C VAL B 88 -1.82 -31.23 1.39
N THR B 89 -2.56 -32.33 1.55
CA THR B 89 -3.29 -32.82 0.39
C THR B 89 -4.72 -32.30 0.45
N PRO B 90 -5.23 -31.68 -0.62
CA PRO B 90 -6.60 -31.15 -0.58
C PRO B 90 -7.65 -32.17 -0.99
N ARG B 91 -7.47 -33.43 -0.60
CA ARG B 91 -8.26 -34.52 -1.17
C ARG B 91 -9.71 -34.49 -0.70
N ALA B 92 -9.93 -34.36 0.61
CA ALA B 92 -11.29 -34.26 1.14
C ALA B 92 -12.08 -33.14 0.48
N PHE B 93 -11.43 -32.00 0.23
CA PHE B 93 -12.10 -30.90 -0.46
C PHE B 93 -12.33 -31.25 -1.92
N LYS B 94 -11.34 -31.86 -2.58
CA LYS B 94 -11.52 -32.33 -3.95
C LYS B 94 -12.67 -33.32 -4.04
N THR B 95 -12.81 -34.16 -3.02
CA THR B 95 -13.92 -35.12 -2.98
C THR B 95 -15.26 -34.38 -3.02
N GLN B 96 -15.42 -33.36 -2.17
CA GLN B 96 -16.68 -32.63 -2.17
C GLN B 96 -16.91 -31.90 -3.47
N VAL B 97 -15.87 -31.31 -4.06
CA VAL B 97 -16.02 -30.63 -5.34
C VAL B 97 -16.56 -31.60 -6.40
N GLY B 98 -15.92 -32.77 -6.52
CA GLY B 98 -16.36 -33.72 -7.53
C GLY B 98 -17.73 -34.32 -7.27
N ARG B 99 -18.15 -34.38 -6.00
CA ARG B 99 -19.48 -34.88 -5.71
C ARG B 99 -20.54 -33.90 -6.19
N PHE B 100 -20.30 -32.60 -6.02
CA PHE B 100 -21.27 -31.59 -6.42
C PHE B 100 -20.94 -30.94 -7.76
N ALA B 101 -19.78 -31.22 -8.34
CA ALA B 101 -19.43 -30.72 -9.67
C ALA B 101 -18.62 -31.80 -10.38
N PRO B 102 -19.30 -32.81 -10.94
CA PRO B 102 -18.58 -33.86 -11.66
C PRO B 102 -17.79 -33.35 -12.86
N GLN B 103 -18.18 -32.19 -13.41
CA GLN B 103 -17.55 -31.66 -14.61
C GLN B 103 -16.07 -31.29 -14.39
N PHE B 104 -15.61 -31.22 -13.15
CA PHE B 104 -14.18 -30.97 -12.89
C PHE B 104 -13.51 -32.25 -12.38
N CYS B 112 -10.30 -26.08 -15.60
CA CYS B 112 -10.51 -24.75 -16.17
C CYS B 112 -10.98 -23.75 -15.12
N GLN B 113 -11.01 -22.47 -15.52
CA GLN B 113 -11.31 -21.36 -14.61
C GLN B 113 -12.75 -21.36 -14.12
N GLU B 114 -13.61 -22.16 -14.75
CA GLU B 114 -14.96 -22.34 -14.23
C GLU B 114 -14.96 -22.82 -12.80
N LEU B 115 -13.86 -23.43 -12.35
CA LEU B 115 -13.80 -23.92 -10.98
C LEU B 115 -13.98 -22.77 -10.00
N LEU B 116 -13.33 -21.64 -10.25
CA LEU B 116 -13.43 -20.50 -9.36
C LEU B 116 -14.87 -20.00 -9.29
N ALA B 117 -15.53 -19.86 -10.44
CA ALA B 117 -16.94 -19.47 -10.43
C ALA B 117 -17.78 -20.46 -9.64
N PHE B 118 -17.52 -21.75 -9.82
CA PHE B 118 -18.24 -22.78 -9.07
C PHE B 118 -18.01 -22.64 -7.57
N LEU B 119 -16.75 -22.45 -7.17
CA LEU B 119 -16.45 -22.43 -5.73
C LEU B 119 -17.03 -21.21 -5.07
N LEU B 120 -16.94 -20.04 -5.72
CA LEU B 120 -17.52 -18.84 -5.12
C LEU B 120 -19.02 -18.99 -4.97
N ASP B 121 -19.66 -19.60 -5.96
CA ASP B 121 -21.10 -19.84 -5.87
C ASP B 121 -21.43 -20.86 -4.79
N GLY B 122 -20.62 -21.92 -4.68
CA GLY B 122 -20.90 -22.96 -3.71
C GLY B 122 -20.66 -22.51 -2.29
N LEU B 123 -19.53 -21.81 -2.05
CA LEU B 123 -19.30 -21.20 -0.75
C LEU B 123 -20.43 -20.25 -0.38
N HIS B 124 -20.88 -19.43 -1.34
CA HIS B 124 -21.95 -18.49 -1.07
C HIS B 124 -23.23 -19.20 -0.61
N GLU B 125 -23.67 -20.22 -1.35
CA GLU B 125 -24.95 -20.84 -1.03
C GLU B 125 -24.86 -21.67 0.26
N ASP B 126 -23.73 -22.35 0.48
CA ASP B 126 -23.50 -23.05 1.74
C ASP B 126 -23.48 -22.10 2.94
N LEU B 127 -23.20 -20.81 2.70
CA LEU B 127 -23.12 -19.85 3.80
C LEU B 127 -24.17 -18.75 3.67
N ASN B 128 -25.21 -18.99 2.87
CA ASN B 128 -26.22 -17.97 2.59
C ASN B 128 -27.09 -17.75 3.83
N ARG B 129 -27.10 -16.50 4.30
CA ARG B 129 -27.86 -16.14 5.50
C ARG B 129 -29.36 -16.15 5.26
N ILE B 130 -29.81 -16.12 4.00
CA ILE B 130 -31.24 -16.18 3.70
C ILE B 130 -31.66 -17.64 3.74
N ARG B 131 -32.38 -18.01 4.80
CA ARG B 131 -32.80 -19.40 4.97
C ARG B 131 -34.03 -19.74 4.16
N LYS B 132 -34.89 -18.76 3.89
CA LYS B 132 -36.06 -18.96 3.02
C LYS B 132 -36.13 -17.80 2.05
N LYS B 133 -35.86 -18.08 0.79
CA LYS B 133 -35.67 -16.98 -0.16
C LYS B 133 -37.00 -16.58 -0.80
N PRO B 134 -37.34 -15.31 -0.76
CA PRO B 134 -38.53 -14.84 -1.49
C PRO B 134 -38.25 -14.83 -2.98
N TYR B 135 -39.29 -15.12 -3.76
CA TYR B 135 -39.17 -14.92 -5.19
C TYR B 135 -39.22 -13.43 -5.47
N ILE B 136 -38.23 -12.94 -6.22
CA ILE B 136 -38.06 -11.51 -6.47
C ILE B 136 -38.21 -11.26 -7.96
N GLN B 137 -39.20 -10.46 -8.35
CA GLN B 137 -39.31 -9.97 -9.71
C GLN B 137 -38.29 -8.86 -9.92
N LEU B 138 -37.25 -9.12 -10.72
CA LEU B 138 -36.25 -8.10 -10.99
C LEU B 138 -36.80 -7.07 -11.98
N LYS B 139 -36.26 -5.86 -11.91
CA LYS B 139 -36.85 -4.71 -12.60
C LYS B 139 -35.82 -4.00 -13.46
N ASP B 140 -36.29 -3.40 -14.56
N ASP B 140 -36.28 -3.40 -14.56
CA ASP B 140 -35.51 -2.50 -15.38
CA ASP B 140 -35.41 -2.52 -15.32
C ASP B 140 -35.51 -1.09 -14.77
C ASP B 140 -35.51 -1.10 -14.79
N ALA B 141 -34.61 -0.24 -15.26
CA ALA B 141 -34.56 1.13 -14.75
C ALA B 141 -35.85 1.88 -15.04
N ASP B 142 -36.36 1.76 -16.28
CA ASP B 142 -37.58 2.45 -16.69
C ASP B 142 -37.50 3.95 -16.40
N GLY B 143 -36.38 4.56 -16.77
CA GLY B 143 -36.19 6.00 -16.65
C GLY B 143 -35.65 6.50 -15.32
N ARG B 144 -35.89 5.77 -14.22
CA ARG B 144 -35.52 6.24 -12.88
C ARG B 144 -34.02 6.52 -12.79
N PRO B 145 -33.60 7.34 -11.83
CA PRO B 145 -32.16 7.64 -11.69
C PRO B 145 -31.35 6.40 -11.36
N ASP B 146 -30.09 6.40 -11.83
CA ASP B 146 -29.18 5.28 -11.69
C ASP B 146 -29.06 4.82 -10.24
N LYS B 147 -28.83 5.79 -9.34
CA LYS B 147 -28.61 5.45 -7.93
C LYS B 147 -29.84 4.81 -7.31
N VAL B 148 -31.03 5.18 -7.78
CA VAL B 148 -32.26 4.58 -7.26
C VAL B 148 -32.39 3.14 -7.74
N VAL B 149 -32.13 2.91 -9.03
CA VAL B 149 -32.29 1.57 -9.59
C VAL B 149 -31.19 0.65 -9.06
N ALA B 150 -29.98 1.17 -8.94
CA ALA B 150 -28.86 0.39 -8.41
C ALA B 150 -29.12 -0.05 -6.98
N GLU B 151 -29.59 0.87 -6.13
CA GLU B 151 -29.87 0.47 -4.75
C GLU B 151 -31.01 -0.55 -4.67
N GLU B 152 -32.03 -0.41 -5.53
CA GLU B 152 -33.09 -1.39 -5.59
C GLU B 152 -32.56 -2.76 -6.02
N ALA B 153 -31.69 -2.77 -7.03
CA ALA B 153 -31.07 -4.01 -7.49
C ALA B 153 -30.29 -4.69 -6.38
N TRP B 154 -29.49 -3.90 -5.64
CA TRP B 154 -28.68 -4.47 -4.58
C TRP B 154 -29.57 -5.00 -3.44
N GLU B 155 -30.61 -4.25 -3.08
CA GLU B 155 -31.56 -4.77 -2.07
C GLU B 155 -32.22 -6.05 -2.55
N ASN B 156 -32.65 -6.09 -3.82
CA ASN B 156 -33.25 -7.31 -4.37
C ASN B 156 -32.27 -8.48 -4.31
N HIS B 157 -30.99 -8.21 -4.57
CA HIS B 157 -29.96 -9.24 -4.50
C HIS B 157 -29.82 -9.77 -3.08
N LEU B 158 -29.70 -8.85 -2.11
CA LEU B 158 -29.54 -9.23 -0.72
C LEU B 158 -30.76 -9.94 -0.15
N LYS B 159 -31.94 -9.76 -0.75
CA LYS B 159 -33.11 -10.46 -0.24
C LYS B 159 -32.99 -11.97 -0.43
N ARG B 160 -32.21 -12.42 -1.42
CA ARG B 160 -32.01 -13.84 -1.66
C ARG B 160 -30.59 -14.29 -1.44
N ASN B 161 -29.63 -13.37 -1.45
CA ASN B 161 -28.20 -13.69 -1.42
C ASN B 161 -27.53 -12.78 -0.39
N ASP B 162 -27.24 -13.32 0.79
CA ASP B 162 -26.59 -12.55 1.84
C ASP B 162 -25.57 -13.44 2.51
N SER B 163 -24.29 -13.21 2.23
CA SER B 163 -23.26 -14.13 2.72
C SER B 163 -21.91 -13.41 2.76
N ILE B 164 -20.93 -14.07 3.40
CA ILE B 164 -19.55 -13.57 3.40
C ILE B 164 -19.03 -13.44 1.98
N ILE B 165 -19.52 -14.28 1.05
CA ILE B 165 -19.08 -14.20 -0.34
C ILE B 165 -19.68 -12.98 -1.03
N VAL B 166 -20.95 -12.68 -0.77
CA VAL B 166 -21.52 -11.44 -1.26
C VAL B 166 -20.75 -10.25 -0.69
N ASP B 167 -20.46 -10.30 0.62
CA ASP B 167 -19.77 -9.19 1.29
C ASP B 167 -18.41 -8.92 0.64
N ILE B 168 -17.68 -9.98 0.29
CA ILE B 168 -16.30 -9.79 -0.14
C ILE B 168 -16.21 -9.57 -1.65
N PHE B 169 -16.97 -10.34 -2.43
CA PHE B 169 -16.67 -10.49 -3.85
C PHE B 169 -17.72 -9.88 -4.80
N HIS B 170 -18.94 -9.59 -4.34
CA HIS B 170 -20.01 -9.24 -5.27
C HIS B 170 -20.05 -7.73 -5.54
N GLY B 171 -20.20 -7.39 -6.81
CA GLY B 171 -20.37 -6.01 -7.22
C GLY B 171 -21.60 -5.84 -8.09
N LEU B 172 -21.71 -4.71 -8.79
N LEU B 172 -21.76 -4.69 -8.73
CA LEU B 172 -22.87 -4.44 -9.62
CA LEU B 172 -22.88 -4.47 -9.64
C LEU B 172 -22.44 -3.87 -10.96
C LEU B 172 -22.38 -3.93 -10.97
N PHE B 173 -22.95 -4.44 -12.05
CA PHE B 173 -22.82 -3.87 -13.39
C PHE B 173 -24.02 -2.97 -13.64
N LYS B 174 -23.82 -1.92 -14.42
CA LYS B 174 -24.92 -1.30 -15.16
C LYS B 174 -24.89 -1.92 -16.55
N SER B 175 -26.03 -2.46 -16.98
N SER B 175 -26.00 -2.52 -16.96
CA SER B 175 -26.13 -3.18 -18.25
CA SER B 175 -26.11 -3.17 -18.26
C SER B 175 -27.15 -2.48 -19.15
C SER B 175 -27.13 -2.42 -19.11
N THR B 176 -26.71 -2.05 -20.33
CA THR B 176 -27.55 -1.31 -21.26
C THR B 176 -27.74 -2.17 -22.51
N LEU B 177 -28.95 -2.61 -22.75
CA LEU B 177 -29.28 -3.42 -23.91
C LEU B 177 -30.09 -2.57 -24.88
N VAL B 178 -29.74 -2.61 -26.17
CA VAL B 178 -30.45 -1.85 -27.19
C VAL B 178 -30.87 -2.82 -28.28
N CYS B 179 -32.18 -2.88 -28.54
CA CYS B 179 -32.68 -3.78 -29.57
C CYS B 179 -32.15 -3.34 -30.93
N PRO B 180 -31.50 -4.23 -31.69
CA PRO B 180 -30.89 -3.81 -32.97
C PRO B 180 -31.91 -3.53 -34.06
N GLU B 181 -33.19 -3.83 -33.82
CA GLU B 181 -34.27 -3.54 -34.75
C GLU B 181 -35.03 -2.29 -34.36
N CYS B 182 -35.68 -2.29 -33.20
CA CYS B 182 -36.61 -1.22 -32.80
C CYS B 182 -35.98 -0.17 -31.88
N ALA B 183 -34.69 -0.29 -31.54
CA ALA B 183 -33.98 0.68 -30.70
C ALA B 183 -34.55 0.82 -29.28
N LYS B 184 -35.37 -0.14 -28.83
CA LYS B 184 -35.77 -0.18 -27.43
C LYS B 184 -34.54 -0.29 -26.55
N ILE B 185 -34.52 0.50 -25.47
CA ILE B 185 -33.41 0.57 -24.53
C ILE B 185 -33.84 -0.02 -23.19
N SER B 186 -33.12 -1.01 -22.70
CA SER B 186 -33.42 -1.64 -21.41
C SER B 186 -32.17 -1.57 -20.53
N VAL B 187 -32.31 -0.92 -19.37
CA VAL B 187 -31.21 -0.71 -18.43
C VAL B 187 -31.51 -1.50 -17.15
N THR B 188 -30.57 -2.32 -16.72
CA THR B 188 -30.69 -3.08 -15.49
C THR B 188 -29.37 -2.94 -14.74
N PHE B 189 -29.43 -3.19 -13.44
CA PHE B 189 -28.23 -3.27 -12.62
C PHE B 189 -28.09 -4.70 -12.14
N ASP B 190 -26.97 -5.33 -12.48
CA ASP B 190 -26.85 -6.78 -12.33
C ASP B 190 -25.63 -7.13 -11.49
N PRO B 191 -25.81 -8.01 -10.50
CA PRO B 191 -24.69 -8.41 -9.64
C PRO B 191 -23.68 -9.24 -10.41
N PHE B 192 -22.43 -9.16 -9.97
CA PHE B 192 -21.38 -10.01 -10.50
C PHE B 192 -20.49 -10.42 -9.33
N CYS B 193 -19.82 -11.57 -9.45
CA CYS B 193 -18.82 -11.91 -8.45
C CYS B 193 -17.42 -12.10 -9.04
N TYR B 194 -17.24 -11.92 -10.34
CA TYR B 194 -15.92 -11.75 -10.93
C TYR B 194 -16.10 -11.14 -12.30
N LEU B 195 -15.00 -10.64 -12.87
CA LEU B 195 -14.99 -10.06 -14.20
C LEU B 195 -14.17 -10.93 -15.14
N THR B 196 -14.69 -11.14 -16.35
CA THR B 196 -13.88 -11.70 -17.43
C THR B 196 -13.56 -10.58 -18.40
N LEU B 197 -12.28 -10.35 -18.62
CA LEU B 197 -11.89 -9.24 -19.44
C LEU B 197 -11.40 -9.72 -20.80
N PRO B 198 -11.82 -9.07 -21.87
CA PRO B 198 -11.27 -9.38 -23.20
C PRO B 198 -9.90 -8.74 -23.38
N LEU B 199 -9.09 -9.34 -24.27
CA LEU B 199 -7.85 -8.74 -24.73
C LEU B 199 -7.99 -8.25 -26.17
N PRO B 200 -7.14 -7.33 -26.62
CA PRO B 200 -7.30 -6.82 -27.98
C PRO B 200 -7.12 -7.92 -29.03
N MET B 201 -7.95 -7.85 -30.06
CA MET B 201 -7.77 -8.67 -31.25
C MET B 201 -7.84 -7.81 -32.50
N PRO B 202 -6.86 -7.90 -33.42
CA PRO B 202 -5.75 -8.86 -33.42
C PRO B 202 -4.79 -8.71 -32.25
N LYS B 203 -4.02 -9.77 -32.01
CA LYS B 203 -3.11 -9.82 -30.87
C LYS B 203 -2.17 -8.61 -30.86
N LYS B 204 -2.02 -8.02 -29.68
CA LYS B 204 -0.99 -7.02 -29.51
C LYS B 204 0.09 -7.56 -28.58
N PRO B 205 1.34 -7.09 -28.70
CA PRO B 205 2.38 -7.60 -27.80
C PRO B 205 2.20 -7.12 -26.38
N PHE B 206 1.62 -5.94 -26.19
CA PHE B 206 1.56 -5.29 -24.90
C PHE B 206 0.25 -4.53 -24.77
N VAL B 207 -0.42 -4.70 -23.64
CA VAL B 207 -1.62 -3.92 -23.33
C VAL B 207 -1.65 -3.68 -21.83
N LYS B 208 -2.10 -2.49 -21.45
CA LYS B 208 -2.35 -2.15 -20.05
C LYS B 208 -3.67 -2.76 -19.58
N LEU B 209 -3.72 -3.18 -18.30
CA LEU B 209 -4.96 -3.75 -17.78
C LEU B 209 -6.13 -2.80 -17.97
N LYS B 210 -5.87 -1.50 -17.83
CA LYS B 210 -6.95 -0.52 -17.99
C LYS B 210 -7.50 -0.51 -19.43
N ASP B 211 -6.67 -0.88 -20.41
CA ASP B 211 -7.19 -1.00 -21.78
C ASP B 211 -8.10 -2.21 -21.91
N CYS B 212 -7.86 -3.27 -21.16
CA CYS B 212 -8.77 -4.41 -21.21
C CYS B 212 -10.09 -4.07 -20.52
N ILE B 213 -10.03 -3.26 -19.46
CA ILE B 213 -11.25 -2.82 -18.80
C ILE B 213 -12.05 -1.93 -19.74
N GLU B 214 -11.36 -1.06 -20.48
CA GLU B 214 -12.04 -0.24 -21.48
C GLU B 214 -12.68 -1.10 -22.56
N LEU B 215 -11.98 -2.15 -23.02
CA LEU B 215 -12.60 -3.09 -23.95
C LEU B 215 -13.85 -3.73 -23.34
N PHE B 216 -13.77 -4.08 -22.05
CA PHE B 216 -14.89 -4.73 -21.38
C PHE B 216 -16.13 -3.86 -21.37
N THR B 217 -15.96 -2.54 -21.20
CA THR B 217 -17.09 -1.62 -21.11
C THR B 217 -17.45 -0.99 -22.46
N THR B 218 -17.01 -1.59 -23.57
CA THR B 218 -17.37 -1.14 -24.90
C THR B 218 -18.60 -1.88 -25.40
N LYS B 219 -19.48 -1.15 -26.11
CA LYS B 219 -20.67 -1.78 -26.67
C LYS B 219 -20.29 -2.96 -27.55
N GLU B 220 -21.10 -4.03 -27.50
CA GLU B 220 -20.82 -5.20 -28.32
C GLU B 220 -22.12 -5.86 -28.72
N LYS B 221 -22.21 -6.26 -29.98
CA LYS B 221 -23.36 -7.05 -30.43
C LYS B 221 -23.29 -8.43 -29.79
N LEU B 222 -24.42 -8.90 -29.25
CA LEU B 222 -24.45 -10.22 -28.66
C LEU B 222 -24.18 -11.28 -29.72
N GLY B 223 -23.65 -12.42 -29.27
CA GLY B 223 -23.50 -13.55 -30.17
C GLY B 223 -24.85 -14.05 -30.66
N ALA B 224 -24.83 -14.65 -31.85
CA ALA B 224 -26.06 -15.19 -32.42
C ALA B 224 -26.67 -16.24 -31.49
N GLU B 225 -25.84 -17.02 -30.80
CA GLU B 225 -26.29 -18.10 -29.95
C GLU B 225 -26.59 -17.64 -28.53
N ASP B 226 -26.80 -16.33 -28.31
CA ASP B 226 -27.24 -15.81 -27.02
C ASP B 226 -28.10 -14.56 -27.18
N PRO B 227 -29.19 -14.59 -27.96
CA PRO B 227 -29.96 -13.37 -28.19
C PRO B 227 -30.77 -12.95 -26.97
N TRP B 228 -31.25 -11.72 -27.02
CA TRP B 228 -31.98 -11.08 -25.93
C TRP B 228 -33.40 -10.81 -26.39
N TYR B 229 -34.37 -11.10 -25.52
CA TYR B 229 -35.79 -10.93 -25.85
C TYR B 229 -36.16 -9.46 -25.74
N CYS B 230 -36.45 -8.83 -26.88
CA CYS B 230 -37.00 -7.49 -26.87
C CYS B 230 -38.49 -7.55 -26.56
N PRO B 231 -38.97 -6.97 -25.45
CA PRO B 231 -40.41 -7.02 -25.17
C PRO B 231 -41.23 -6.16 -26.11
N ASN B 232 -40.60 -5.22 -26.81
CA ASN B 232 -41.28 -4.40 -27.82
C ASN B 232 -41.53 -5.21 -29.09
N CYS B 233 -40.46 -5.74 -29.70
CA CYS B 233 -40.63 -6.61 -30.86
C CYS B 233 -41.28 -7.95 -30.53
N LYS B 234 -41.37 -8.33 -29.26
CA LYS B 234 -41.78 -9.68 -28.84
C LYS B 234 -40.99 -10.73 -29.60
N GLU B 235 -39.68 -10.55 -29.62
CA GLU B 235 -38.84 -11.38 -30.48
C GLU B 235 -37.42 -11.35 -29.92
N HIS B 236 -36.71 -12.46 -30.04
CA HIS B 236 -35.33 -12.52 -29.63
C HIS B 236 -34.44 -11.86 -30.67
N GLN B 237 -33.51 -11.01 -30.20
CA GLN B 237 -32.75 -10.11 -31.05
C GLN B 237 -31.27 -10.17 -30.73
N GLN B 238 -30.46 -9.79 -31.71
CA GLN B 238 -29.01 -9.73 -31.60
C GLN B 238 -28.58 -8.38 -31.02
N ALA B 239 -29.01 -8.12 -29.79
CA ALA B 239 -28.89 -6.79 -29.22
C ALA B 239 -27.43 -6.39 -29.05
N THR B 240 -27.21 -5.08 -28.96
CA THR B 240 -25.95 -4.56 -28.47
C THR B 240 -26.04 -4.37 -26.96
N LYS B 241 -25.01 -4.81 -26.26
CA LYS B 241 -24.95 -4.74 -24.80
C LYS B 241 -23.76 -3.86 -24.42
N LYS B 242 -23.98 -2.94 -23.51
CA LYS B 242 -22.89 -2.16 -22.93
C LYS B 242 -22.91 -2.33 -21.42
N LEU B 243 -21.77 -2.72 -20.86
CA LEU B 243 -21.61 -2.89 -19.43
C LEU B 243 -20.79 -1.74 -18.88
N ASP B 244 -21.18 -1.23 -17.73
CA ASP B 244 -20.40 -0.28 -16.96
C ASP B 244 -20.16 -0.89 -15.59
N LEU B 245 -18.98 -0.61 -15.01
CA LEU B 245 -18.74 -0.99 -13.63
C LEU B 245 -19.51 -0.03 -12.74
N TRP B 246 -20.54 -0.51 -12.06
CA TRP B 246 -21.29 0.41 -11.22
C TRP B 246 -20.75 0.45 -9.79
N SER B 247 -20.67 -0.72 -9.13
CA SER B 247 -20.07 -0.77 -7.80
C SER B 247 -19.09 -1.94 -7.71
N LEU B 248 -17.98 -1.69 -7.08
CA LEU B 248 -16.89 -2.64 -7.09
C LEU B 248 -16.72 -3.28 -5.71
N PRO B 249 -16.43 -4.58 -5.67
CA PRO B 249 -16.40 -5.29 -4.39
C PRO B 249 -15.08 -5.07 -3.66
N PRO B 250 -15.05 -5.35 -2.35
CA PRO B 250 -13.78 -5.33 -1.61
C PRO B 250 -12.69 -6.18 -2.23
N VAL B 251 -13.04 -7.33 -2.80
CA VAL B 251 -12.06 -8.15 -3.50
C VAL B 251 -12.59 -8.39 -4.89
N LEU B 252 -11.85 -7.93 -5.89
CA LEU B 252 -12.19 -7.99 -7.30
C LEU B 252 -11.39 -9.11 -7.96
N VAL B 253 -12.08 -10.09 -8.51
CA VAL B 253 -11.46 -11.24 -9.18
C VAL B 253 -11.58 -10.99 -10.67
N VAL B 254 -10.44 -10.98 -11.36
CA VAL B 254 -10.34 -10.57 -12.76
C VAL B 254 -9.77 -11.74 -13.55
N HIS B 255 -10.55 -12.25 -14.49
CA HIS B 255 -10.11 -13.30 -15.41
C HIS B 255 -9.71 -12.67 -16.73
N LEU B 256 -8.50 -12.98 -17.20
CA LEU B 256 -8.02 -12.48 -18.48
C LEU B 256 -8.35 -13.53 -19.54
N LYS B 257 -9.15 -13.15 -20.54
CA LYS B 257 -9.65 -14.14 -21.51
C LYS B 257 -8.62 -14.27 -22.63
N ARG B 258 -7.76 -15.27 -22.53
CA ARG B 258 -6.70 -15.44 -23.52
C ARG B 258 -7.07 -16.41 -24.64
N PHE B 259 -8.13 -17.21 -24.46
CA PHE B 259 -8.54 -18.19 -25.47
C PHE B 259 -9.73 -17.65 -26.25
N SER B 260 -9.45 -16.62 -27.06
CA SER B 260 -10.47 -15.97 -27.87
C SER B 260 -10.26 -16.17 -29.36
N TYR B 261 -9.40 -17.10 -29.76
CA TYR B 261 -9.26 -17.51 -31.14
C TYR B 261 -10.23 -18.65 -31.45
N SER B 262 -10.49 -18.84 -32.75
CA SER B 262 -11.25 -19.99 -33.18
C SER B 262 -10.56 -21.28 -32.72
N ARG B 263 -11.38 -22.25 -32.32
CA ARG B 263 -10.84 -23.49 -31.76
C ARG B 263 -9.85 -24.15 -32.70
N TYR B 264 -10.04 -24.01 -34.02
CA TYR B 264 -9.19 -24.68 -34.98
C TYR B 264 -7.81 -24.03 -35.11
N MET B 265 -7.63 -22.81 -34.59
CA MET B 265 -6.31 -22.19 -34.63
C MET B 265 -5.36 -22.75 -33.58
N ARG B 266 -5.89 -23.44 -32.55
CA ARG B 266 -5.11 -23.95 -31.42
C ARG B 266 -4.17 -22.87 -30.89
N ASP B 267 -4.60 -21.62 -30.98
CA ASP B 267 -3.84 -20.44 -30.61
C ASP B 267 -4.37 -19.84 -29.32
N LYS B 268 -3.57 -18.96 -28.72
CA LYS B 268 -3.91 -18.37 -27.43
C LYS B 268 -3.22 -17.02 -27.33
N LEU B 269 -3.94 -16.02 -26.81
CA LEU B 269 -3.39 -14.68 -26.70
C LEU B 269 -2.34 -14.65 -25.60
N ASP B 270 -1.07 -14.57 -26.00
CA ASP B 270 0.03 -14.46 -25.05
C ASP B 270 0.51 -13.03 -24.89
N THR B 271 -0.40 -12.07 -25.09
CA THR B 271 -0.13 -10.66 -24.84
C THR B 271 0.44 -10.46 -23.44
N LEU B 272 1.43 -9.57 -23.34
CA LEU B 272 1.87 -9.08 -22.03
C LEU B 272 0.82 -8.10 -21.56
N VAL B 273 -0.06 -8.54 -20.67
CA VAL B 273 -1.02 -7.64 -20.03
C VAL B 273 -0.32 -7.09 -18.79
N ASP B 274 -0.04 -5.78 -18.80
CA ASP B 274 0.66 -5.12 -17.71
C ASP B 274 -0.38 -4.71 -16.67
N PHE B 275 -0.40 -5.41 -15.55
CA PHE B 275 -1.39 -5.08 -14.53
C PHE B 275 -0.64 -4.55 -13.31
N PRO B 276 -1.23 -3.62 -12.58
CA PRO B 276 -0.53 -3.06 -11.41
C PRO B 276 -0.37 -4.09 -10.30
N ILE B 277 0.80 -4.10 -9.71
CA ILE B 277 0.98 -4.75 -8.42
C ILE B 277 0.30 -3.92 -7.34
N ASN B 278 0.53 -2.60 -7.38
CA ASN B 278 0.03 -1.68 -6.38
C ASN B 278 -0.81 -0.61 -7.05
N ASP B 279 -1.91 -0.23 -6.39
CA ASP B 279 -2.68 0.99 -6.73
C ASP B 279 -3.24 0.95 -8.15
N LEU B 280 -4.01 -0.08 -8.43
CA LEU B 280 -4.93 -0.07 -9.57
C LEU B 280 -6.09 0.84 -9.22
N ASP B 281 -6.29 1.91 -9.98
CA ASP B 281 -7.37 2.85 -9.71
C ASP B 281 -8.52 2.60 -10.68
N MET B 282 -9.70 2.31 -10.12
CA MET B 282 -10.87 1.94 -10.91
C MET B 282 -12.09 2.58 -10.28
N SER B 283 -12.80 3.41 -11.05
CA SER B 283 -14.12 3.91 -10.67
C SER B 283 -14.08 4.58 -9.29
N GLY B 284 -13.00 5.32 -9.03
CA GLY B 284 -12.81 5.95 -7.74
C GLY B 284 -12.26 5.08 -6.62
N CYS B 285 -12.04 3.78 -6.85
CA CYS B 285 -11.47 2.90 -5.84
C CYS B 285 -10.01 2.62 -6.16
N ARG B 286 -9.24 2.29 -5.13
CA ARG B 286 -7.84 1.93 -5.32
C ARG B 286 -7.62 0.50 -4.83
N TYR B 287 -7.05 -0.35 -5.69
CA TYR B 287 -6.88 -1.78 -5.43
C TYR B 287 -5.41 -2.18 -5.42
N ASN B 288 -5.08 -3.18 -4.62
CA ASN B 288 -3.76 -3.77 -4.60
C ASN B 288 -3.85 -5.25 -4.93
N LEU B 289 -2.91 -5.73 -5.75
CA LEU B 289 -2.89 -7.15 -6.10
C LEU B 289 -2.56 -7.98 -4.87
N ILE B 290 -3.29 -9.08 -4.68
CA ILE B 290 -2.97 -10.01 -3.60
C ILE B 290 -2.70 -11.43 -4.08
N ALA B 291 -3.11 -11.80 -5.30
CA ALA B 291 -2.78 -13.14 -5.81
C ALA B 291 -2.90 -13.13 -7.32
N VAL B 292 -2.17 -14.05 -7.96
CA VAL B 292 -2.27 -14.25 -9.39
C VAL B 292 -2.30 -15.74 -9.65
N SER B 293 -3.26 -16.20 -10.45
CA SER B 293 -3.22 -17.56 -10.99
C SER B 293 -2.50 -17.49 -12.33
N ASN B 294 -1.48 -18.34 -12.51
CA ASN B 294 -0.75 -18.42 -13.77
C ASN B 294 -1.12 -19.72 -14.47
N HIS B 295 -1.24 -19.66 -15.79
CA HIS B 295 -1.54 -20.84 -16.59
C HIS B 295 -0.48 -21.00 -17.65
N TYR B 296 0.17 -22.15 -17.66
CA TYR B 296 1.17 -22.48 -18.68
C TYR B 296 0.55 -23.55 -19.58
N GLY B 297 0.58 -23.31 -20.88
CA GLY B 297 -0.11 -24.16 -21.84
C GLY B 297 0.79 -25.12 -22.58
N GLY B 302 -2.96 -27.66 -19.59
CA GLY B 302 -1.62 -27.22 -19.24
C GLY B 302 -1.33 -27.35 -17.76
N HIS B 303 -0.63 -26.37 -17.19
CA HIS B 303 -0.32 -26.37 -15.77
C HIS B 303 -0.60 -24.99 -15.18
N TYR B 304 -1.09 -24.97 -13.94
CA TYR B 304 -1.44 -23.74 -13.23
C TYR B 304 -0.59 -23.62 -11.97
N THR B 305 -0.15 -22.39 -11.68
CA THR B 305 0.53 -22.07 -10.43
C THR B 305 -0.05 -20.76 -9.90
N ALA B 306 0.51 -20.26 -8.81
CA ALA B 306 0.01 -19.01 -8.23
C ALA B 306 1.14 -18.21 -7.58
N PHE B 307 1.07 -16.90 -7.74
CA PHE B 307 1.73 -15.94 -6.87
C PHE B 307 0.70 -15.43 -5.84
N ALA B 308 1.14 -15.27 -4.59
CA ALA B 308 0.24 -14.66 -3.61
C ALA B 308 1.03 -13.87 -2.59
N LYS B 309 0.41 -12.83 -2.08
CA LYS B 309 1.01 -11.98 -1.05
C LYS B 309 0.52 -12.46 0.30
N ASN B 310 1.45 -12.79 1.20
CA ASN B 310 1.08 -13.28 2.52
C ASN B 310 0.52 -12.14 3.36
N LYS B 311 -0.67 -12.35 3.95
CA LYS B 311 -1.38 -11.28 4.65
C LYS B 311 -0.63 -10.80 5.88
N ASP B 312 0.25 -11.63 6.44
CA ASP B 312 0.99 -11.29 7.65
C ASP B 312 2.25 -10.46 7.34
N ASP B 313 3.19 -11.02 6.55
CA ASP B 313 4.44 -10.32 6.33
C ASP B 313 4.40 -9.40 5.11
N GLY B 314 3.32 -9.45 4.33
CA GLY B 314 3.23 -8.59 3.16
C GLY B 314 4.22 -8.92 2.05
N LYS B 315 4.88 -10.07 2.11
CA LYS B 315 5.79 -10.48 1.04
C LYS B 315 5.10 -11.41 0.05
N TRP B 316 5.68 -11.52 -1.15
CA TRP B 316 5.15 -12.32 -2.24
C TRP B 316 5.80 -13.70 -2.30
N TYR B 317 4.99 -14.71 -2.65
CA TYR B 317 5.42 -16.10 -2.68
C TYR B 317 4.85 -16.78 -3.91
N TYR B 318 5.56 -17.81 -4.36
CA TYR B 318 5.19 -18.61 -5.52
C TYR B 318 4.76 -19.99 -5.05
N PHE B 319 3.58 -20.43 -5.50
CA PHE B 319 3.00 -21.70 -5.09
C PHE B 319 2.86 -22.58 -6.33
N ASP B 320 3.66 -23.64 -6.40
CA ASP B 320 3.59 -24.62 -7.47
C ASP B 320 3.28 -25.97 -6.85
N ASP B 321 2.00 -26.33 -6.84
CA ASP B 321 1.53 -27.48 -6.09
C ASP B 321 2.17 -27.51 -4.71
N SER B 322 2.96 -28.53 -4.39
CA SER B 322 3.43 -28.66 -3.02
C SER B 322 4.56 -27.70 -2.67
N SER B 323 5.16 -27.03 -3.64
CA SER B 323 6.33 -26.20 -3.42
C SER B 323 5.95 -24.73 -3.21
N VAL B 324 6.46 -24.14 -2.12
CA VAL B 324 6.29 -22.71 -1.83
C VAL B 324 7.67 -22.07 -1.74
N SER B 325 7.89 -21.01 -2.51
CA SER B 325 9.17 -20.31 -2.50
C SER B 325 8.94 -18.81 -2.48
N THR B 326 10.00 -18.08 -2.16
CA THR B 326 9.93 -16.63 -2.15
C THR B 326 9.83 -16.10 -3.57
N ALA B 327 9.15 -14.98 -3.71
CA ALA B 327 9.01 -14.35 -5.01
C ALA B 327 9.31 -12.87 -4.87
N SER B 328 9.61 -12.24 -5.99
CA SER B 328 9.74 -10.80 -6.06
C SER B 328 8.63 -10.23 -6.92
N GLU B 329 8.16 -9.04 -6.55
N GLU B 329 8.17 -9.02 -6.58
CA GLU B 329 7.13 -8.36 -7.34
CA GLU B 329 7.10 -8.41 -7.35
C GLU B 329 7.48 -8.33 -8.82
C GLU B 329 7.48 -8.18 -8.81
N ASP B 330 8.77 -8.25 -9.16
CA ASP B 330 9.17 -8.12 -10.57
C ASP B 330 8.96 -9.38 -11.38
N GLN B 331 8.71 -10.52 -10.74
CA GLN B 331 8.37 -11.77 -11.42
C GLN B 331 6.89 -11.87 -11.77
N ILE B 332 6.02 -11.05 -11.18
CA ILE B 332 4.60 -11.35 -11.17
C ILE B 332 3.94 -11.07 -12.52
N VAL B 333 4.26 -9.94 -13.16
CA VAL B 333 3.67 -9.64 -14.46
C VAL B 333 4.42 -10.49 -15.47
N SER B 334 3.74 -11.51 -15.99
CA SER B 334 4.25 -12.37 -17.04
C SER B 334 3.12 -12.65 -18.03
N LYS B 335 3.49 -13.14 -19.21
CA LYS B 335 2.47 -13.54 -20.18
C LYS B 335 1.58 -14.68 -19.68
N ALA B 336 1.97 -15.38 -18.61
CA ALA B 336 1.15 -16.49 -18.13
C ALA B 336 0.03 -16.07 -17.18
N ALA B 337 0.02 -14.83 -16.68
CA ALA B 337 -1.02 -14.41 -15.74
C ALA B 337 -2.41 -14.68 -16.31
N TYR B 338 -3.26 -15.31 -15.50
CA TYR B 338 -4.55 -15.82 -15.93
C TYR B 338 -5.72 -15.21 -15.17
N VAL B 339 -5.68 -15.25 -13.85
CA VAL B 339 -6.70 -14.66 -13.00
C VAL B 339 -5.98 -13.77 -12.00
N LEU B 340 -6.49 -12.56 -11.79
CA LEU B 340 -5.91 -11.59 -10.87
C LEU B 340 -6.88 -11.38 -9.70
N PHE B 341 -6.36 -11.39 -8.46
CA PHE B 341 -7.12 -11.06 -7.26
C PHE B 341 -6.60 -9.71 -6.77
N TYR B 342 -7.51 -8.75 -6.63
CA TYR B 342 -7.21 -7.40 -6.18
C TYR B 342 -8.03 -7.09 -4.93
N GLN B 343 -7.42 -6.45 -3.94
CA GLN B 343 -8.12 -6.09 -2.72
C GLN B 343 -8.18 -4.58 -2.54
N ARG B 344 -9.35 -4.06 -2.21
CA ARG B 344 -9.51 -2.62 -2.09
C ARG B 344 -8.66 -2.11 -0.93
N GLN B 345 -7.96 -1.00 -1.16
CA GLN B 345 -7.09 -0.41 -0.15
C GLN B 345 -7.89 0.30 0.95
N SER B 347 -8.34 3.30 2.75
CA SER B 347 -8.18 4.72 2.43
C SER B 347 -6.97 4.97 1.51
N SER B 348 -6.90 6.17 0.94
CA SER B 348 -5.75 6.59 0.16
C SER B 348 -5.62 8.10 0.25
N GLY B 349 -4.37 8.57 0.32
CA GLY B 349 -4.10 9.99 0.38
C GLY B 349 -4.73 10.69 1.57
N ALA C 2 -50.15 -15.00 -11.25
CA ALA C 2 -48.70 -14.90 -11.19
C ALA C 2 -48.04 -15.57 -12.41
N ALA C 3 -48.84 -15.87 -13.43
CA ALA C 3 -48.32 -16.57 -14.59
C ALA C 3 -47.36 -15.68 -15.38
N MET C 4 -46.43 -16.31 -16.09
CA MET C 4 -45.43 -15.57 -16.87
C MET C 4 -44.97 -16.44 -18.02
N LEU C 5 -44.50 -15.78 -19.07
CA LEU C 5 -43.97 -16.44 -20.24
C LEU C 5 -42.45 -16.54 -20.11
N ILE C 6 -41.91 -17.74 -20.32
CA ILE C 6 -40.48 -17.98 -20.39
C ILE C 6 -40.18 -18.74 -21.68
N PHE C 7 -38.89 -18.88 -21.99
CA PHE C 7 -38.46 -19.51 -23.22
C PHE C 7 -37.45 -20.62 -22.94
N VAL C 8 -37.48 -21.64 -23.80
CA VAL C 8 -36.52 -22.74 -23.76
C VAL C 8 -35.90 -22.84 -25.15
N LYS C 9 -34.57 -22.78 -25.21
CA LYS C 9 -33.84 -22.77 -26.47
C LYS C 9 -33.16 -24.11 -26.67
N THR C 10 -33.40 -24.73 -27.82
CA THR C 10 -32.80 -26.02 -28.12
C THR C 10 -31.34 -25.83 -28.56
N LEU C 11 -30.63 -26.95 -28.71
CA LEU C 11 -29.26 -26.89 -29.20
C LEU C 11 -29.19 -26.44 -30.66
N SER C 12 -30.27 -26.63 -31.42
CA SER C 12 -30.38 -26.12 -32.78
C SER C 12 -30.82 -24.67 -32.83
N GLY C 13 -31.05 -24.04 -31.68
CA GLY C 13 -31.40 -22.63 -31.62
C GLY C 13 -32.86 -22.30 -31.71
N LYS C 14 -33.75 -23.30 -31.74
CA LYS C 14 -35.18 -23.02 -31.73
C LYS C 14 -35.64 -22.58 -30.34
N PHE C 15 -36.71 -21.78 -30.31
CA PHE C 15 -37.20 -21.16 -29.09
C PHE C 15 -38.61 -21.65 -28.78
N ILE C 16 -38.75 -22.46 -27.75
CA ILE C 16 -40.05 -22.92 -27.26
C ILE C 16 -40.53 -21.93 -26.21
N SER C 17 -41.76 -21.45 -26.35
CA SER C 17 -42.34 -20.54 -25.38
C SER C 17 -43.24 -21.33 -24.43
N LEU C 18 -43.08 -21.10 -23.12
CA LEU C 18 -43.85 -21.79 -22.10
C LEU C 18 -44.53 -20.79 -21.18
N GLU C 19 -45.76 -21.13 -20.77
CA GLU C 19 -46.45 -20.37 -19.74
C GLU C 19 -46.25 -21.09 -18.41
N VAL C 20 -45.66 -20.41 -17.44
CA VAL C 20 -45.30 -21.02 -16.17
C VAL C 20 -45.61 -20.08 -15.03
N GLU C 21 -45.59 -20.62 -13.82
CA GLU C 21 -45.61 -19.88 -12.58
C GLU C 21 -44.31 -20.13 -11.81
N PRO C 22 -43.87 -19.17 -10.99
CA PRO C 22 -42.68 -19.42 -10.16
C PRO C 22 -42.78 -20.66 -9.31
N SER C 23 -43.99 -21.02 -8.85
CA SER C 23 -44.13 -22.22 -8.02
C SER C 23 -44.02 -23.51 -8.81
N ASP C 24 -43.95 -23.46 -10.14
CA ASP C 24 -43.86 -24.67 -10.94
C ASP C 24 -42.55 -25.40 -10.67
N THR C 25 -42.62 -26.73 -10.60
CA THR C 25 -41.41 -27.52 -10.44
C THR C 25 -40.73 -27.73 -11.79
N ILE C 26 -39.46 -28.13 -11.72
CA ILE C 26 -38.73 -28.41 -12.94
C ILE C 26 -39.37 -29.58 -13.70
N GLU C 27 -39.92 -30.58 -12.98
CA GLU C 27 -40.63 -31.65 -13.69
C GLU C 27 -41.86 -31.13 -14.41
N ASN C 28 -42.60 -30.21 -13.79
CA ASN C 28 -43.71 -29.55 -14.47
C ASN C 28 -43.24 -28.91 -15.77
N VAL C 29 -42.10 -28.20 -15.70
CA VAL C 29 -41.59 -27.53 -16.89
C VAL C 29 -41.24 -28.55 -17.97
N LYS C 30 -40.58 -29.65 -17.58
CA LYS C 30 -40.23 -30.67 -18.56
C LYS C 30 -41.48 -31.33 -19.15
N ALA C 31 -42.53 -31.49 -18.34
CA ALA C 31 -43.79 -32.03 -18.87
C ALA C 31 -44.42 -31.07 -19.87
N LYS C 32 -44.31 -29.76 -19.61
CA LYS C 32 -44.76 -28.77 -20.60
C LYS C 32 -43.91 -28.81 -21.86
N ILE C 33 -42.59 -29.05 -21.72
CA ILE C 33 -41.74 -29.22 -22.89
C ILE C 33 -42.14 -30.47 -23.66
N GLN C 34 -42.44 -31.56 -22.94
CA GLN C 34 -42.94 -32.76 -23.60
C GLN C 34 -44.21 -32.48 -24.39
N ASP C 35 -45.12 -31.70 -23.82
CA ASP C 35 -46.40 -31.42 -24.49
C ASP C 35 -46.19 -30.71 -25.81
N LYS C 36 -45.18 -29.85 -25.91
CA LYS C 36 -44.95 -29.06 -27.11
C LYS C 36 -43.95 -29.68 -28.07
N GLU C 37 -43.01 -30.47 -27.58
CA GLU C 37 -41.95 -31.01 -28.42
C GLU C 37 -41.82 -32.53 -28.35
N GLY C 38 -42.61 -33.20 -27.52
CA GLY C 38 -42.65 -34.64 -27.49
C GLY C 38 -41.39 -35.32 -26.98
N ILE C 39 -40.49 -34.55 -26.39
CA ILE C 39 -39.27 -35.12 -25.79
C ILE C 39 -39.63 -35.68 -24.41
N PRO C 40 -39.33 -36.95 -24.13
CA PRO C 40 -39.59 -37.50 -22.80
C PRO C 40 -38.84 -36.71 -21.74
N PRO C 41 -39.46 -36.47 -20.58
CA PRO C 41 -38.79 -35.67 -19.55
C PRO C 41 -37.45 -36.21 -19.11
N ASP C 42 -37.33 -37.54 -18.95
CA ASP C 42 -36.07 -38.11 -18.51
C ASP C 42 -34.95 -37.88 -19.51
N GLN C 43 -35.28 -37.50 -20.74
CA GLN C 43 -34.29 -37.17 -21.76
C GLN C 43 -34.00 -35.68 -21.84
N GLN C 44 -34.57 -34.86 -20.97
CA GLN C 44 -34.34 -33.43 -20.96
C GLN C 44 -33.40 -33.07 -19.83
N ARG C 45 -32.40 -32.24 -20.13
CA ARG C 45 -31.61 -31.53 -19.13
C ARG C 45 -31.78 -30.05 -19.39
N LEU C 46 -32.10 -29.30 -18.34
CA LEU C 46 -32.35 -27.88 -18.44
C LEU C 46 -31.26 -27.14 -17.69
N ILE C 47 -30.65 -26.15 -18.33
CA ILE C 47 -29.57 -25.39 -17.76
C ILE C 47 -29.96 -23.92 -17.78
N PHE C 48 -29.74 -23.24 -16.66
CA PHE C 48 -30.01 -21.81 -16.52
C PHE C 48 -28.70 -21.11 -16.18
N ALA C 49 -28.24 -20.25 -17.08
CA ALA C 49 -27.01 -19.49 -16.85
C ALA C 49 -27.30 -17.99 -16.68
N LEU C 53 -22.10 -12.89 -14.96
CA LEU C 53 -20.86 -13.20 -14.26
C LEU C 53 -21.12 -13.31 -12.75
N SER C 54 -22.38 -13.59 -12.38
CA SER C 54 -22.85 -13.55 -10.99
C SER C 54 -23.15 -14.91 -10.39
N PHE C 55 -23.78 -15.79 -11.16
CA PHE C 55 -24.09 -17.14 -10.73
C PHE C 55 -23.36 -18.11 -11.64
N TYR C 56 -22.83 -19.17 -11.05
CA TYR C 56 -22.42 -20.32 -11.82
C TYR C 56 -23.67 -20.97 -12.40
N ARG C 57 -23.62 -21.34 -13.69
CA ARG C 57 -24.79 -21.95 -14.31
C ARG C 57 -25.21 -23.17 -13.50
N LYS C 58 -26.50 -23.27 -13.23
CA LYS C 58 -27.06 -24.40 -12.50
C LYS C 58 -27.84 -25.28 -13.47
N GLN C 59 -27.76 -26.58 -13.25
CA GLN C 59 -28.67 -27.49 -13.92
C GLN C 59 -29.92 -27.60 -13.07
N LEU C 60 -31.06 -27.32 -13.67
CA LEU C 60 -32.30 -27.34 -12.92
C LEU C 60 -32.64 -28.77 -12.54
N GLU C 61 -32.72 -29.03 -11.26
CA GLU C 61 -32.99 -30.37 -10.75
C GLU C 61 -34.49 -30.54 -10.51
N ASP C 62 -34.93 -31.80 -10.61
CA ASP C 62 -36.34 -32.08 -10.86
C ASP C 62 -37.24 -31.60 -9.72
N GLY C 63 -36.87 -31.89 -8.48
CA GLY C 63 -37.67 -31.50 -7.33
C GLY C 63 -37.64 -30.03 -6.94
N ARG C 64 -36.87 -29.19 -7.61
CA ARG C 64 -36.84 -27.77 -7.29
C ARG C 64 -37.88 -27.02 -8.12
N THR C 65 -38.18 -25.79 -7.69
CA THR C 65 -39.11 -24.92 -8.39
C THR C 65 -38.37 -23.86 -9.20
N LEU C 66 -39.09 -23.24 -10.14
CA LEU C 66 -38.53 -22.09 -10.86
C LEU C 66 -38.12 -20.99 -9.89
N SER C 67 -38.95 -20.75 -8.87
CA SER C 67 -38.62 -19.76 -7.85
C SER C 67 -37.29 -20.06 -7.18
N ASP C 68 -36.98 -21.34 -6.94
CA ASP C 68 -35.71 -21.68 -6.30
C ASP C 68 -34.51 -21.12 -7.07
N TYR C 69 -34.63 -21.03 -8.40
CA TYR C 69 -33.56 -20.51 -9.25
C TYR C 69 -33.78 -19.05 -9.62
N ASN C 70 -34.84 -18.44 -9.08
CA ASN C 70 -35.21 -17.05 -9.39
C ASN C 70 -35.32 -16.81 -10.89
N ILE C 71 -35.85 -17.80 -11.60
CA ILE C 71 -36.15 -17.66 -13.03
C ILE C 71 -37.11 -16.50 -13.23
N GLN C 72 -36.78 -15.61 -14.15
CA GLN C 72 -37.53 -14.39 -14.38
C GLN C 72 -38.39 -14.49 -15.63
N LYS C 73 -39.47 -13.70 -15.66
CA LYS C 73 -40.29 -13.65 -16.85
C LYS C 73 -39.44 -13.27 -18.06
N HIS C 74 -39.68 -13.96 -19.19
CA HIS C 74 -38.95 -13.84 -20.45
C HIS C 74 -37.53 -14.35 -20.39
N SER C 75 -37.12 -15.03 -19.32
CA SER C 75 -35.82 -15.69 -19.30
C SER C 75 -35.78 -16.82 -20.33
N THR C 76 -34.56 -17.25 -20.65
CA THR C 76 -34.31 -18.40 -21.49
C THR C 76 -33.63 -19.48 -20.67
N LEU C 77 -34.15 -20.70 -20.77
CA LEU C 77 -33.47 -21.89 -20.28
C LEU C 77 -32.87 -22.63 -21.47
N GLN C 78 -31.77 -23.34 -21.23
CA GLN C 78 -31.15 -24.11 -22.30
C GLN C 78 -31.58 -25.56 -22.18
N LEU C 79 -32.06 -26.12 -23.29
CA LEU C 79 -32.50 -27.50 -23.35
C LEU C 79 -31.44 -28.36 -24.01
N LEU C 80 -31.07 -29.45 -23.33
CA LEU C 80 -30.19 -30.48 -23.89
C LEU C 80 -30.94 -31.80 -23.87
N VAL C 81 -31.13 -32.40 -25.05
CA VAL C 81 -31.86 -33.66 -25.17
C VAL C 81 -30.86 -34.80 -25.25
N ILE C 82 -30.89 -35.69 -24.26
CA ILE C 82 -29.99 -36.83 -24.18
C ILE C 82 -30.72 -38.02 -24.79
N SER C 83 -30.35 -38.39 -26.03
CA SER C 83 -30.95 -39.51 -26.74
C SER C 83 -29.87 -40.50 -27.13
N ARG C 84 -30.01 -41.75 -26.64
CA ARG C 84 -29.07 -42.84 -26.93
C ARG C 84 -27.62 -42.41 -26.68
N GLY C 85 -27.40 -41.54 -25.70
CA GLY C 85 -26.06 -41.06 -25.41
C GLY C 85 -25.61 -39.86 -26.22
N ILE C 86 -26.44 -39.37 -27.15
CA ILE C 86 -26.12 -38.18 -27.94
C ILE C 86 -26.83 -36.98 -27.33
N LEU C 87 -26.18 -35.82 -27.39
CA LEU C 87 -26.81 -34.57 -26.95
C LEU C 87 -27.30 -33.76 -28.15
N ALA D 2 44.24 26.40 1.05
CA ALA D 2 43.63 27.55 0.37
C ALA D 2 42.80 28.36 1.35
N ALA D 3 43.16 29.63 1.51
CA ALA D 3 42.54 30.47 2.53
C ALA D 3 41.12 30.86 2.13
N MET D 4 40.23 30.92 3.12
CA MET D 4 38.83 31.22 2.86
C MET D 4 38.27 32.10 3.96
N LEU D 5 37.21 32.81 3.62
CA LEU D 5 36.49 33.70 4.53
C LEU D 5 35.36 32.93 5.21
N ILE D 6 35.35 32.91 6.54
CA ILE D 6 34.21 32.41 7.30
C ILE D 6 33.80 33.49 8.29
N PHE D 7 32.63 33.29 8.89
CA PHE D 7 32.10 34.25 9.84
C PHE D 7 31.79 33.56 11.16
N VAL D 8 31.91 34.32 12.23
CA VAL D 8 31.59 33.87 13.57
C VAL D 8 30.59 34.84 14.16
N LYS D 9 29.41 34.34 14.54
CA LYS D 9 28.35 35.18 15.05
C LYS D 9 28.25 35.01 16.56
N THR D 10 28.24 36.12 17.26
CA THR D 10 28.06 36.13 18.70
C THR D 10 26.58 36.00 19.04
N LEU D 11 26.30 35.77 20.32
CA LEU D 11 24.92 35.87 20.79
C LEU D 11 24.38 37.29 20.66
N SER D 12 25.26 38.28 20.52
CA SER D 12 24.85 39.66 20.30
C SER D 12 24.30 39.89 18.89
N GLY D 13 24.52 38.96 17.97
CA GLY D 13 24.22 39.17 16.57
C GLY D 13 25.39 39.72 15.77
N LYS D 14 26.51 39.97 16.41
CA LYS D 14 27.70 40.50 15.77
C LYS D 14 28.41 39.43 14.97
N PHE D 15 28.79 39.76 13.74
CA PHE D 15 29.54 38.86 12.88
C PHE D 15 31.03 39.19 12.96
N ILE D 16 31.85 38.17 13.20
CA ILE D 16 33.30 38.29 13.19
C ILE D 16 33.78 37.61 11.91
N SER D 17 34.48 38.35 11.06
CA SER D 17 35.02 37.78 9.83
C SER D 17 36.42 37.23 10.08
N LEU D 18 36.63 35.97 9.71
CA LEU D 18 37.92 35.32 9.90
C LEU D 18 38.46 34.80 8.57
N GLU D 19 39.77 34.93 8.38
CA GLU D 19 40.47 34.29 7.27
C GLU D 19 41.11 33.02 7.81
N VAL D 20 40.76 31.88 7.23
CA VAL D 20 41.18 30.58 7.75
C VAL D 20 41.60 29.68 6.60
N GLU D 21 42.22 28.56 6.96
CA GLU D 21 42.51 27.45 6.08
C GLU D 21 41.73 26.22 6.52
N PRO D 22 41.21 25.41 5.60
CA PRO D 22 40.52 24.17 6.02
C PRO D 22 41.36 23.32 6.96
N SER D 23 42.68 23.35 6.82
CA SER D 23 43.56 22.61 7.72
C SER D 23 43.69 23.25 9.09
N ASP D 24 43.19 24.47 9.30
CA ASP D 24 43.31 25.10 10.61
C ASP D 24 42.58 24.30 11.68
N THR D 25 43.24 24.11 12.83
CA THR D 25 42.58 23.46 13.95
C THR D 25 41.58 24.41 14.60
N ILE D 26 40.64 23.83 15.36
CA ILE D 26 39.68 24.65 16.09
C ILE D 26 40.41 25.57 17.09
N GLU D 27 41.51 25.08 17.67
CA GLU D 27 42.31 25.91 18.57
C GLU D 27 42.87 27.12 17.84
N ASN D 28 43.33 26.93 16.60
CA ASN D 28 43.76 28.06 15.79
C ASN D 28 42.64 29.05 15.57
N VAL D 29 41.40 28.55 15.41
CA VAL D 29 40.28 29.45 15.17
C VAL D 29 39.98 30.27 16.41
N LYS D 30 40.05 29.65 17.58
CA LYS D 30 39.83 30.40 18.81
C LYS D 30 40.92 31.44 19.00
N ALA D 31 42.16 31.11 18.64
CA ALA D 31 43.25 32.08 18.69
C ALA D 31 42.94 33.29 17.82
N LYS D 32 42.44 33.06 16.61
CA LYS D 32 42.06 34.17 15.74
C LYS D 32 40.91 34.98 16.35
N ILE D 33 39.98 34.31 17.01
CA ILE D 33 38.89 35.02 17.69
C ILE D 33 39.44 35.89 18.81
N GLN D 34 40.44 35.39 19.54
CA GLN D 34 41.07 36.18 20.59
C GLN D 34 41.71 37.45 20.03
N ASP D 35 42.36 37.33 18.87
CA ASP D 35 42.97 38.49 18.22
C ASP D 35 41.95 39.58 17.91
N LYS D 36 40.78 39.19 17.37
CA LYS D 36 39.78 40.17 16.93
C LYS D 36 38.96 40.72 18.09
N GLU D 37 38.74 39.92 19.13
CA GLU D 37 37.73 40.26 20.13
C GLU D 37 38.24 40.20 21.56
N GLY D 38 39.47 39.74 21.79
CA GLY D 38 40.03 39.70 23.12
C GLY D 38 39.51 38.60 24.02
N ILE D 39 38.60 37.77 23.56
CA ILE D 39 38.07 36.69 24.38
C ILE D 39 39.11 35.54 24.42
N PRO D 40 39.50 35.06 25.58
CA PRO D 40 40.48 33.99 25.65
C PRO D 40 39.89 32.67 25.15
N PRO D 41 40.71 31.86 24.48
CA PRO D 41 40.20 30.60 23.90
C PRO D 41 39.50 29.67 24.89
N ASP D 42 40.00 29.61 26.13
CA ASP D 42 39.39 28.71 27.11
C ASP D 42 37.96 29.12 27.45
N GLN D 43 37.58 30.36 27.14
CA GLN D 43 36.22 30.84 27.37
C GLN D 43 35.32 30.73 26.15
N GLN D 44 35.82 30.20 25.03
CA GLN D 44 35.07 30.14 23.78
C GLN D 44 34.49 28.75 23.58
N ARG D 45 33.23 28.68 23.18
CA ARG D 45 32.58 27.47 22.70
C ARG D 45 32.12 27.76 21.28
N LEU D 46 32.51 26.90 20.34
CA LEU D 46 32.16 27.06 18.94
C LEU D 46 31.20 25.96 18.53
N ILE D 47 30.08 26.35 17.92
CA ILE D 47 29.09 25.43 17.39
C ILE D 47 29.03 25.61 15.89
N PHE D 48 28.97 24.50 15.16
CA PHE D 48 28.71 24.56 13.72
C PHE D 48 27.40 23.85 13.42
N ALA D 49 26.38 24.61 13.04
CA ALA D 49 25.10 24.05 12.64
C ALA D 49 24.98 23.88 11.13
N GLY D 50 25.77 24.61 10.35
CA GLY D 50 25.62 24.57 8.91
C GLY D 50 24.21 24.99 8.52
N LYS D 51 23.60 24.20 7.65
CA LYS D 51 22.17 24.29 7.37
C LYS D 51 21.49 23.12 8.07
N ARG D 52 20.37 23.40 8.74
CA ARG D 52 19.95 22.61 9.90
C ARG D 52 19.56 21.17 9.55
N LEU D 53 18.64 21.00 8.58
CA LEU D 53 17.94 19.69 8.42
C LEU D 53 18.90 18.47 7.96
N SER D 54 20.21 18.69 7.83
CA SER D 54 21.15 17.66 7.37
C SER D 54 21.91 16.98 8.50
N PHE D 55 22.69 17.75 9.25
N PHE D 55 22.72 17.73 9.23
CA PHE D 55 23.51 17.23 10.33
CA PHE D 55 23.47 17.18 10.35
C PHE D 55 23.13 17.93 11.62
C PHE D 55 23.10 17.91 11.63
N TYR D 56 23.25 17.20 12.74
CA TYR D 56 22.99 17.77 14.04
C TYR D 56 24.14 18.69 14.44
N ARG D 57 23.81 19.83 15.05
CA ARG D 57 24.82 20.84 15.40
C ARG D 57 25.93 20.21 16.21
N LYS D 58 27.18 20.59 15.91
CA LYS D 58 28.34 19.99 16.52
C LYS D 58 29.14 21.01 17.31
N GLN D 59 29.46 20.68 18.56
CA GLN D 59 30.42 21.47 19.31
C GLN D 59 31.81 21.21 18.73
N LEU D 60 32.45 22.25 18.22
CA LEU D 60 33.76 22.07 17.60
C LEU D 60 34.79 21.75 18.69
N GLU D 61 35.49 20.65 18.51
CA GLU D 61 36.39 20.15 19.53
C GLU D 61 37.82 20.53 19.19
N ASP D 62 38.57 20.95 20.21
CA ASP D 62 39.97 21.27 19.99
C ASP D 62 40.73 20.00 19.59
N GLY D 63 41.70 20.17 18.70
CA GLY D 63 42.37 19.07 18.06
C GLY D 63 41.77 18.68 16.72
N ARG D 64 40.49 18.97 16.51
CA ARG D 64 39.89 18.80 15.20
C ARG D 64 40.20 20.01 14.32
N THR D 65 40.04 19.81 13.01
CA THR D 65 40.23 20.87 12.03
C THR D 65 38.89 21.29 11.43
N LEU D 66 38.87 22.48 10.84
CA LEU D 66 37.68 22.91 10.11
C LEU D 66 37.32 21.90 9.03
N SER D 67 38.32 21.25 8.45
CA SER D 67 38.09 20.21 7.45
C SER D 67 37.23 19.09 7.99
N ASP D 68 37.48 18.67 9.24
CA ASP D 68 36.71 17.58 9.84
C ASP D 68 35.22 17.89 9.87
N TYR D 69 34.85 19.17 10.02
CA TYR D 69 33.45 19.55 10.08
C TYR D 69 32.91 20.00 8.73
N ASN D 70 33.72 19.90 7.67
CA ASN D 70 33.35 20.29 6.31
C ASN D 70 32.95 21.77 6.23
N ILE D 71 33.60 22.60 7.05
CA ILE D 71 33.37 24.04 7.02
C ILE D 71 33.74 24.58 5.64
N GLN D 72 32.87 25.40 5.08
CA GLN D 72 33.03 25.95 3.75
C GLN D 72 33.25 27.45 3.79
N LYS D 73 33.71 27.99 2.66
CA LYS D 73 33.79 29.44 2.49
C LYS D 73 32.44 30.08 2.80
N HIS D 74 32.48 31.09 3.66
CA HIS D 74 31.34 31.88 4.15
C HIS D 74 30.38 31.06 5.02
N SER D 75 30.80 29.89 5.51
CA SER D 75 30.08 29.24 6.59
C SER D 75 30.03 30.16 7.81
N THR D 76 29.10 29.92 8.72
CA THR D 76 28.94 30.73 9.91
C THR D 76 29.04 29.82 11.13
N LEU D 77 29.96 30.14 12.04
CA LEU D 77 30.10 29.46 13.31
C LEU D 77 29.39 30.26 14.39
N GLN D 78 28.80 29.56 15.35
CA GLN D 78 28.14 30.18 16.49
C GLN D 78 29.12 30.25 17.66
N LEU D 79 29.33 31.45 18.19
CA LEU D 79 30.25 31.67 19.30
C LEU D 79 29.48 31.86 20.60
N LEU D 80 29.85 31.07 21.62
CA LEU D 80 29.35 31.23 22.97
C LEU D 80 30.54 31.51 23.88
N VAL D 81 30.56 32.70 24.48
CA VAL D 81 31.58 33.04 25.47
C VAL D 81 31.10 32.63 26.84
N ILE D 82 31.94 31.89 27.57
CA ILE D 82 31.63 31.40 28.90
C ILE D 82 32.48 32.17 29.90
N SER D 83 31.86 33.11 30.61
CA SER D 83 32.53 33.98 31.57
C SER D 83 31.87 33.83 32.93
N ARG D 84 32.64 33.36 33.91
CA ARG D 84 32.18 33.23 35.30
C ARG D 84 30.88 32.42 35.39
N GLY D 85 30.79 31.37 34.58
CA GLY D 85 29.64 30.47 34.62
C GLY D 85 28.38 30.98 33.97
N ILE D 86 28.47 32.01 33.13
CA ILE D 86 27.32 32.54 32.39
C ILE D 86 27.70 32.62 30.92
N LEU D 87 26.75 32.31 30.04
CA LEU D 87 27.00 32.35 28.60
C LEU D 87 26.69 33.73 28.05
N TYR D 88 27.55 34.22 27.16
CA TYR D 88 27.38 35.53 26.56
C TYR D 88 27.62 35.47 25.04
N MET E 1 17.45 10.25 -2.41
CA MET E 1 18.23 9.37 -3.29
C MET E 1 17.59 9.08 -4.65
N ALA E 2 16.33 9.46 -4.86
CA ALA E 2 15.76 9.38 -6.21
C ALA E 2 15.05 10.69 -6.57
N HIS E 3 15.34 11.20 -7.78
CA HIS E 3 14.73 12.42 -8.31
C HIS E 3 13.76 12.09 -9.44
N HIS E 4 12.59 12.72 -9.41
CA HIS E 4 11.60 12.64 -10.48
C HIS E 4 11.27 14.04 -11.00
N HIS E 5 10.99 14.13 -12.30
CA HIS E 5 10.53 15.38 -12.89
C HIS E 5 9.13 15.75 -12.38
#